data_1ZUF
#
_entry.id   1ZUF
#
_entity_poly.entity_id   1
_entity_poly.type   'polypeptide(L)'
_entity_poly.pdbx_seq_one_letter_code
;IMFFEMQACWSHSGVCRDKSERNCKPMAWTYCENRNQKCCEY
;
_entity_poly.pdbx_strand_id   A
#
# COMPACT_ATOMS: atom_id res chain seq x y z
N ILE A 1 2.27 -18.03 3.12
CA ILE A 1 2.10 -17.66 1.70
C ILE A 1 2.87 -18.59 0.78
N MET A 2 2.18 -19.17 -0.19
CA MET A 2 2.80 -20.08 -1.14
C MET A 2 2.43 -19.73 -2.57
N PHE A 3 2.18 -18.44 -2.82
CA PHE A 3 1.82 -17.97 -4.14
C PHE A 3 1.44 -16.48 -4.10
N PHE A 4 0.80 -16.07 -3.01
CA PHE A 4 0.39 -14.68 -2.85
C PHE A 4 1.59 -13.76 -2.85
N GLU A 5 2.03 -13.36 -4.05
CA GLU A 5 3.18 -12.48 -4.20
C GLU A 5 3.13 -11.32 -3.21
N MET A 6 2.26 -10.36 -3.48
CA MET A 6 2.11 -9.19 -2.60
C MET A 6 1.16 -9.49 -1.46
N GLN A 7 0.70 -8.44 -0.78
CA GLN A 7 -0.23 -8.58 0.34
C GLN A 7 -0.43 -7.24 1.04
N ALA A 8 -1.37 -7.21 1.98
CA ALA A 8 -1.68 -5.99 2.72
C ALA A 8 -0.45 -5.49 3.47
N CYS A 9 -0.59 -4.33 4.13
CA CYS A 9 0.51 -3.75 4.88
C CYS A 9 0.24 -3.80 6.38
N TRP A 10 -0.52 -4.81 6.81
CA TRP A 10 -0.87 -4.98 8.21
C TRP A 10 0.39 -5.00 9.08
N SER A 11 1.47 -5.53 8.53
CA SER A 11 2.74 -5.61 9.25
C SER A 11 3.66 -4.44 8.90
N HIS A 12 3.96 -4.31 7.61
CA HIS A 12 4.84 -3.24 7.14
C HIS A 12 4.27 -1.87 7.52
N SER A 13 2.95 -1.81 7.66
CA SER A 13 2.29 -0.55 8.02
C SER A 13 2.49 0.50 6.93
N GLY A 14 1.67 1.54 6.96
CA GLY A 14 1.78 2.60 5.97
C GLY A 14 0.56 3.50 5.94
N VAL A 15 0.62 4.56 5.15
CA VAL A 15 -0.49 5.50 5.04
C VAL A 15 -1.43 5.11 3.90
N CYS A 16 -2.60 4.57 4.25
CA CYS A 16 -3.57 4.16 3.26
C CYS A 16 -4.35 5.36 2.73
N ARG A 17 -3.91 5.89 1.59
CA ARG A 17 -4.57 7.04 0.99
C ARG A 17 -4.89 6.77 -0.49
N ASP A 18 -5.19 7.83 -1.24
CA ASP A 18 -5.52 7.70 -2.65
C ASP A 18 -4.28 7.40 -3.49
N LYS A 19 -4.41 6.50 -4.45
CA LYS A 19 -3.30 6.13 -5.32
C LYS A 19 -2.67 7.37 -5.96
N SER A 20 -3.49 8.40 -6.16
CA SER A 20 -3.02 9.63 -6.76
C SER A 20 -2.84 10.72 -5.70
N GLU A 21 -2.44 10.31 -4.50
CA GLU A 21 -2.22 11.24 -3.41
C GLU A 21 -1.06 12.17 -3.72
N ARG A 22 -1.28 13.45 -3.47
CA ARG A 22 -0.26 14.47 -3.73
C ARG A 22 0.66 14.64 -2.52
N ASN A 23 0.61 13.70 -1.59
CA ASN A 23 1.44 13.75 -0.40
C ASN A 23 1.77 12.33 0.08
N CYS A 24 2.01 11.44 -0.87
CA CYS A 24 2.33 10.05 -0.56
C CYS A 24 3.83 9.85 -0.39
N LYS A 25 4.20 8.84 0.37
CA LYS A 25 5.61 8.54 0.63
C LYS A 25 6.06 7.30 -0.16
N PRO A 26 7.33 6.91 -0.05
CA PRO A 26 7.87 5.75 -0.76
C PRO A 26 7.14 4.45 -0.39
N MET A 27 5.97 4.23 -0.99
CA MET A 27 5.18 3.04 -0.73
C MET A 27 5.99 1.78 -0.99
N ALA A 28 5.50 0.65 -0.48
CA ALA A 28 6.18 -0.63 -0.66
C ALA A 28 5.25 -1.66 -1.28
N TRP A 29 5.77 -2.85 -1.53
CA TRP A 29 5.00 -3.93 -2.13
C TRP A 29 3.65 -4.09 -1.42
N THR A 30 3.62 -3.77 -0.14
CA THR A 30 2.39 -3.89 0.64
C THR A 30 1.34 -2.91 0.15
N TYR A 31 0.07 -3.27 0.33
CA TYR A 31 -1.04 -2.43 -0.10
C TYR A 31 -2.13 -2.37 0.97
N CYS A 32 -3.20 -1.63 0.68
CA CYS A 32 -4.31 -1.49 1.61
C CYS A 32 -5.35 -2.59 1.39
N GLU A 33 -6.01 -2.55 0.23
CA GLU A 33 -7.02 -3.54 -0.10
C GLU A 33 -7.63 -3.24 -1.47
N ASN A 34 -8.17 -2.04 -1.62
CA ASN A 34 -8.78 -1.63 -2.87
C ASN A 34 -7.76 -0.96 -3.78
N ARG A 35 -7.97 -1.09 -5.09
CA ARG A 35 -7.06 -0.52 -6.07
C ARG A 35 -7.14 1.01 -6.08
N ASN A 36 -8.09 1.55 -5.35
CA ASN A 36 -8.26 3.00 -5.27
C ASN A 36 -7.43 3.59 -4.12
N GLN A 37 -7.05 2.74 -3.17
CA GLN A 37 -6.26 3.18 -2.03
C GLN A 37 -4.99 2.34 -1.89
N LYS A 38 -3.85 3.01 -1.72
CA LYS A 38 -2.57 2.33 -1.59
C LYS A 38 -1.95 2.61 -0.23
N CYS A 39 -1.12 1.68 0.23
CA CYS A 39 -0.45 1.81 1.52
C CYS A 39 0.96 2.38 1.34
N CYS A 40 1.08 3.70 1.46
CA CYS A 40 2.37 4.37 1.31
C CYS A 40 3.23 4.18 2.55
N GLU A 41 4.45 4.71 2.49
CA GLU A 41 5.38 4.60 3.61
C GLU A 41 4.95 5.50 4.77
N TYR A 42 4.61 4.88 5.90
CA TYR A 42 4.18 5.58 7.09
C TYR A 42 4.90 6.92 7.26
N ILE A 1 5.18 -11.49 -14.55
CA ILE A 1 4.88 -11.49 -13.09
C ILE A 1 4.69 -12.90 -12.56
N MET A 2 5.72 -13.42 -11.90
CA MET A 2 5.67 -14.77 -11.35
C MET A 2 6.55 -14.88 -10.11
N PHE A 3 6.06 -15.56 -9.09
CA PHE A 3 6.80 -15.75 -7.85
C PHE A 3 7.11 -14.40 -7.20
N PHE A 4 6.06 -13.70 -6.78
CA PHE A 4 6.21 -12.40 -6.14
C PHE A 4 5.60 -12.40 -4.74
N GLU A 5 4.44 -13.05 -4.60
CA GLU A 5 3.75 -13.13 -3.31
C GLU A 5 3.49 -11.74 -2.76
N MET A 6 2.29 -11.22 -3.00
CA MET A 6 1.91 -9.90 -2.53
C MET A 6 1.02 -10.00 -1.29
N GLN A 7 0.70 -8.85 -0.71
CA GLN A 7 -0.15 -8.80 0.48
C GLN A 7 -0.28 -7.37 0.99
N ALA A 8 -1.18 -7.18 1.95
CA ALA A 8 -1.39 -5.85 2.52
C ALA A 8 -0.19 -5.40 3.34
N CYS A 9 -0.34 -4.27 4.03
CA CYS A 9 0.74 -3.73 4.85
C CYS A 9 0.34 -3.70 6.32
N TRP A 10 -0.59 -4.57 6.70
CA TRP A 10 -1.06 -4.63 8.08
C TRP A 10 0.10 -4.90 9.04
N SER A 11 1.13 -5.56 8.54
CA SER A 11 2.31 -5.88 9.36
C SER A 11 3.34 -4.75 9.28
N HIS A 12 3.42 -4.10 8.13
CA HIS A 12 4.37 -3.02 7.94
C HIS A 12 3.85 -1.72 8.55
N SER A 13 2.53 -1.57 8.58
CA SER A 13 1.91 -0.38 9.14
C SER A 13 2.31 0.87 8.35
N GLY A 14 1.59 1.12 7.27
CA GLY A 14 1.88 2.27 6.44
C GLY A 14 0.76 3.30 6.46
N VAL A 15 0.55 3.97 5.33
CA VAL A 15 -0.50 4.98 5.21
C VAL A 15 -1.34 4.76 3.97
N CYS A 16 -2.54 4.20 4.17
CA CYS A 16 -3.46 3.93 3.06
C CYS A 16 -4.19 5.21 2.65
N ARG A 17 -3.76 5.79 1.54
CA ARG A 17 -4.38 7.01 1.02
C ARG A 17 -4.84 6.82 -0.41
N ASP A 18 -5.15 7.92 -1.09
CA ASP A 18 -5.61 7.86 -2.47
C ASP A 18 -4.47 7.48 -3.40
N LYS A 19 -4.75 6.58 -4.34
CA LYS A 19 -3.75 6.13 -5.31
C LYS A 19 -3.04 7.32 -5.95
N SER A 20 -3.79 8.38 -6.19
CA SER A 20 -3.26 9.59 -6.80
C SER A 20 -3.00 10.66 -5.75
N GLU A 21 -2.66 10.24 -4.54
CA GLU A 21 -2.37 11.16 -3.45
C GLU A 21 -1.19 12.05 -3.80
N ARG A 22 -1.38 13.34 -3.62
CA ARG A 22 -0.34 14.33 -3.92
C ARG A 22 0.60 14.52 -2.74
N ASN A 23 0.57 13.59 -1.79
CA ASN A 23 1.42 13.66 -0.61
C ASN A 23 1.75 12.25 -0.11
N CYS A 24 2.01 11.34 -1.05
CA CYS A 24 2.32 9.96 -0.72
C CYS A 24 3.82 9.77 -0.53
N LYS A 25 4.19 8.85 0.36
CA LYS A 25 5.59 8.57 0.64
C LYS A 25 6.05 7.33 -0.14
N PRO A 26 7.36 7.03 -0.12
CA PRO A 26 7.91 5.87 -0.83
C PRO A 26 7.27 4.56 -0.42
N MET A 27 6.11 4.25 -1.01
CA MET A 27 5.38 3.02 -0.70
C MET A 27 6.26 1.80 -0.88
N ALA A 28 5.78 0.66 -0.40
CA ALA A 28 6.51 -0.59 -0.51
C ALA A 28 5.71 -1.62 -1.29
N TRP A 29 6.33 -2.76 -1.57
CA TRP A 29 5.67 -3.83 -2.31
C TRP A 29 4.27 -4.11 -1.77
N THR A 30 4.08 -3.88 -0.47
CA THR A 30 2.79 -4.10 0.16
C THR A 30 1.72 -3.16 -0.40
N TYR A 31 0.46 -3.48 -0.12
CA TYR A 31 -0.65 -2.66 -0.59
C TYR A 31 -1.68 -2.45 0.52
N CYS A 32 -2.75 -1.73 0.20
CA CYS A 32 -3.79 -1.44 1.18
C CYS A 32 -4.91 -2.48 1.10
N GLU A 33 -5.78 -2.33 0.12
CA GLU A 33 -6.89 -3.26 -0.07
C GLU A 33 -7.75 -2.87 -1.28
N ASN A 34 -8.15 -1.61 -1.33
CA ASN A 34 -8.97 -1.11 -2.43
C ASN A 34 -8.09 -0.58 -3.55
N ARG A 35 -8.54 -0.77 -4.79
CA ARG A 35 -7.80 -0.32 -5.95
C ARG A 35 -7.75 1.21 -6.03
N ASN A 36 -8.57 1.85 -5.21
CA ASN A 36 -8.63 3.30 -5.18
C ASN A 36 -7.64 3.88 -4.17
N GLN A 37 -7.24 3.05 -3.19
CA GLN A 37 -6.31 3.49 -2.16
C GLN A 37 -5.14 2.51 -2.04
N LYS A 38 -3.94 3.05 -1.89
CA LYS A 38 -2.74 2.21 -1.76
C LYS A 38 -1.99 2.53 -0.47
N CYS A 39 -1.18 1.58 -0.02
CA CYS A 39 -0.41 1.75 1.21
C CYS A 39 0.96 2.36 0.91
N CYS A 40 1.17 3.58 1.38
CA CYS A 40 2.43 4.29 1.17
C CYS A 40 3.34 4.15 2.39
N GLU A 41 4.52 4.74 2.31
CA GLU A 41 5.47 4.70 3.41
C GLU A 41 4.92 5.41 4.64
N TYR A 42 4.94 4.71 5.78
CA TYR A 42 4.43 5.25 7.03
C TYR A 42 4.73 6.74 7.18
N ILE A 1 1.40 -17.00 6.80
CA ILE A 1 1.52 -17.86 5.59
C ILE A 1 2.30 -17.14 4.49
N MET A 2 3.33 -17.82 3.98
CA MET A 2 4.17 -17.26 2.92
C MET A 2 3.95 -17.99 1.60
N PHE A 3 3.68 -17.24 0.54
CA PHE A 3 3.45 -17.81 -0.77
C PHE A 3 3.10 -16.72 -1.78
N PHE A 4 2.15 -15.88 -1.43
CA PHE A 4 1.72 -14.79 -2.32
C PHE A 4 2.69 -13.61 -2.23
N GLU A 5 3.35 -13.33 -3.35
CA GLU A 5 4.32 -12.23 -3.41
C GLU A 5 3.79 -10.98 -2.72
N MET A 6 2.58 -10.57 -3.09
CA MET A 6 1.97 -9.39 -2.49
C MET A 6 1.39 -9.70 -1.12
N GLN A 7 0.80 -8.69 -0.48
CA GLN A 7 0.21 -8.84 0.84
C GLN A 7 -0.13 -7.48 1.46
N ALA A 8 -1.09 -7.48 2.36
CA ALA A 8 -1.51 -6.24 3.03
C ALA A 8 -0.35 -5.61 3.78
N CYS A 9 -0.51 -4.36 4.19
CA CYS A 9 0.52 -3.65 4.93
C CYS A 9 0.17 -3.54 6.41
N TRP A 10 -0.73 -4.41 6.87
CA TRP A 10 -1.15 -4.40 8.27
C TRP A 10 0.05 -4.59 9.20
N SER A 11 1.08 -5.26 8.70
CA SER A 11 2.28 -5.52 9.50
C SER A 11 3.29 -4.39 9.30
N HIS A 12 3.80 -4.26 8.08
CA HIS A 12 4.78 -3.22 7.76
C HIS A 12 4.23 -1.83 8.06
N SER A 13 2.91 -1.72 8.06
CA SER A 13 2.26 -0.43 8.33
C SER A 13 2.56 0.58 7.23
N GLY A 14 1.60 1.46 6.97
CA GLY A 14 1.78 2.47 5.93
C GLY A 14 0.66 3.50 5.93
N VAL A 15 0.57 4.26 4.85
CA VAL A 15 -0.45 5.29 4.73
C VAL A 15 -1.42 4.98 3.58
N CYS A 16 -2.54 4.36 3.92
CA CYS A 16 -3.55 4.00 2.93
C CYS A 16 -4.27 5.24 2.41
N ARG A 17 -3.80 5.77 1.29
CA ARG A 17 -4.41 6.96 0.70
C ARG A 17 -4.65 6.75 -0.80
N ASP A 18 -4.96 7.84 -1.50
CA ASP A 18 -5.21 7.77 -2.94
C ASP A 18 -3.90 7.61 -3.71
N LYS A 19 -3.92 6.73 -4.70
CA LYS A 19 -2.73 6.48 -5.51
C LYS A 19 -2.19 7.79 -6.10
N SER A 20 -3.08 8.75 -6.29
CA SER A 20 -2.70 10.05 -6.85
C SER A 20 -2.69 11.11 -5.76
N GLU A 21 -2.31 10.72 -4.55
CA GLU A 21 -2.25 11.62 -3.42
C GLU A 21 -1.07 12.56 -3.56
N ARG A 22 -1.23 13.76 -3.03
CA ARG A 22 -0.19 14.77 -3.07
C ARG A 22 0.59 14.83 -1.76
N ASN A 23 0.48 13.77 -0.97
CA ASN A 23 1.17 13.70 0.31
C ASN A 23 1.55 12.25 0.63
N CYS A 24 1.78 11.45 -0.40
CA CYS A 24 2.13 10.06 -0.24
C CYS A 24 3.65 9.89 -0.19
N LYS A 25 4.10 8.90 0.58
CA LYS A 25 5.53 8.63 0.71
C LYS A 25 5.94 7.45 -0.15
N PRO A 26 7.24 7.10 -0.18
CA PRO A 26 7.75 5.98 -0.98
C PRO A 26 7.05 4.67 -0.64
N MET A 27 5.88 4.45 -1.23
CA MET A 27 5.11 3.23 -1.00
C MET A 27 5.97 1.98 -1.24
N ALA A 28 5.48 0.85 -0.76
CA ALA A 28 6.18 -0.42 -0.92
C ALA A 28 5.30 -1.47 -1.59
N TRP A 29 5.88 -2.62 -1.90
CA TRP A 29 5.15 -3.70 -2.54
C TRP A 29 3.82 -3.98 -1.83
N THR A 30 3.79 -3.75 -0.53
CA THR A 30 2.60 -3.96 0.27
C THR A 30 1.43 -3.13 -0.26
N TYR A 31 0.21 -3.55 0.06
CA TYR A 31 -0.98 -2.84 -0.38
C TYR A 31 -1.92 -2.58 0.79
N CYS A 32 -2.97 -1.80 0.54
CA CYS A 32 -3.94 -1.47 1.57
C CYS A 32 -5.07 -2.49 1.60
N GLU A 33 -5.96 -2.42 0.61
CA GLU A 33 -7.08 -3.34 0.53
C GLU A 33 -7.92 -3.06 -0.72
N ASN A 34 -8.26 -1.79 -0.92
CA ASN A 34 -9.05 -1.38 -2.07
C ASN A 34 -8.14 -1.03 -3.25
N ARG A 35 -8.57 -1.40 -4.45
CA ARG A 35 -7.81 -1.14 -5.65
C ARG A 35 -7.81 0.34 -6.01
N ASN A 36 -8.61 1.12 -5.29
CA ASN A 36 -8.71 2.55 -5.53
C ASN A 36 -7.68 3.33 -4.70
N GLN A 37 -7.08 2.66 -3.72
CA GLN A 37 -6.08 3.28 -2.86
C GLN A 37 -4.89 2.36 -2.66
N LYS A 38 -3.76 2.93 -2.23
CA LYS A 38 -2.55 2.15 -2.00
C LYS A 38 -1.95 2.46 -0.63
N CYS A 39 -1.08 1.58 -0.17
CA CYS A 39 -0.43 1.74 1.13
C CYS A 39 0.97 2.31 0.97
N CYS A 40 1.13 3.59 1.27
CA CYS A 40 2.42 4.26 1.16
C CYS A 40 3.28 3.98 2.38
N GLU A 41 4.51 4.47 2.37
CA GLU A 41 5.42 4.26 3.49
C GLU A 41 4.98 5.07 4.70
N TYR A 42 4.64 4.36 5.78
CA TYR A 42 4.19 4.97 7.02
C TYR A 42 4.86 6.32 7.28
N ILE A 1 1.93 -15.22 -10.86
CA ILE A 1 2.71 -13.96 -10.67
C ILE A 1 1.82 -12.73 -10.84
N MET A 2 1.98 -11.77 -9.94
CA MET A 2 1.20 -10.54 -10.00
C MET A 2 2.04 -9.38 -10.51
N PHE A 3 3.28 -9.29 -10.06
CA PHE A 3 4.20 -8.24 -10.47
C PHE A 3 5.55 -8.39 -9.78
N PHE A 4 5.52 -8.76 -8.51
CA PHE A 4 6.75 -8.94 -7.74
C PHE A 4 6.44 -9.57 -6.38
N GLU A 5 5.60 -8.91 -5.60
CA GLU A 5 5.22 -9.40 -4.30
C GLU A 5 4.28 -8.42 -3.60
N MET A 6 2.98 -8.58 -3.85
CA MET A 6 1.97 -7.70 -3.24
C MET A 6 1.28 -8.38 -2.07
N GLN A 7 0.80 -7.56 -1.13
CA GLN A 7 0.12 -8.07 0.05
C GLN A 7 -0.19 -6.93 1.02
N ALA A 8 -1.19 -7.15 1.88
CA ALA A 8 -1.58 -6.13 2.86
C ALA A 8 -0.42 -5.76 3.76
N CYS A 9 -0.50 -4.57 4.35
CA CYS A 9 0.55 -4.08 5.24
C CYS A 9 0.02 -3.92 6.67
N TRP A 10 -1.02 -4.68 7.00
CA TRP A 10 -1.64 -4.61 8.32
C TRP A 10 -0.60 -4.87 9.41
N SER A 11 0.33 -5.79 9.15
CA SER A 11 1.37 -6.12 10.12
C SER A 11 2.73 -5.60 9.66
N HIS A 12 2.71 -4.49 8.92
CA HIS A 12 3.94 -3.90 8.42
C HIS A 12 3.83 -2.38 8.33
N SER A 13 2.89 -1.82 9.09
CA SER A 13 2.68 -0.37 9.11
C SER A 13 2.48 0.17 7.69
N GLY A 14 2.26 1.47 7.58
CA GLY A 14 2.06 2.09 6.27
C GLY A 14 1.06 3.22 6.32
N VAL A 15 0.95 3.95 5.21
CA VAL A 15 0.03 5.07 5.12
C VAL A 15 -1.00 4.85 4.01
N CYS A 16 -2.07 4.15 4.33
CA CYS A 16 -3.13 3.87 3.36
C CYS A 16 -3.76 5.16 2.86
N ARG A 17 -3.28 5.66 1.73
CA ARG A 17 -3.80 6.88 1.14
C ARG A 17 -4.43 6.61 -0.23
N ASP A 18 -4.64 7.65 -1.01
CA ASP A 18 -5.24 7.50 -2.33
C ASP A 18 -4.16 7.25 -3.39
N LYS A 19 -4.43 6.33 -4.29
CA LYS A 19 -3.48 5.99 -5.36
C LYS A 19 -3.02 7.25 -6.08
N SER A 20 -3.89 8.25 -6.13
CA SER A 20 -3.57 9.51 -6.79
C SER A 20 -3.17 10.57 -5.76
N GLU A 21 -2.67 10.11 -4.61
CA GLU A 21 -2.24 11.01 -3.56
C GLU A 21 -1.13 11.91 -4.04
N ARG A 22 -1.39 13.21 -4.03
CA ARG A 22 -0.42 14.21 -4.48
C ARG A 22 0.46 14.69 -3.33
N ASN A 23 0.40 13.98 -2.21
CA ASN A 23 1.19 14.34 -1.03
C ASN A 23 1.52 13.08 -0.23
N CYS A 24 1.83 12.00 -0.93
CA CYS A 24 2.15 10.73 -0.30
C CYS A 24 3.66 10.52 -0.20
N LYS A 25 4.04 9.38 0.38
CA LYS A 25 5.45 9.03 0.54
C LYS A 25 5.78 7.79 -0.27
N PRO A 26 7.08 7.52 -0.50
CA PRO A 26 7.52 6.35 -1.27
C PRO A 26 6.87 5.05 -0.80
N MET A 27 5.73 4.72 -1.40
CA MET A 27 5.01 3.50 -1.04
C MET A 27 5.86 2.27 -1.30
N ALA A 28 5.41 1.13 -0.80
CA ALA A 28 6.12 -0.13 -0.97
C ALA A 28 5.24 -1.16 -1.66
N TRP A 29 5.83 -2.32 -1.99
CA TRP A 29 5.10 -3.38 -2.65
C TRP A 29 3.78 -3.69 -1.95
N THR A 30 3.72 -3.40 -0.65
CA THR A 30 2.50 -3.64 0.13
C THR A 30 1.38 -2.72 -0.32
N TYR A 31 0.14 -3.13 -0.03
CA TYR A 31 -1.02 -2.34 -0.41
C TYR A 31 -2.04 -2.30 0.71
N CYS A 32 -3.13 -1.56 0.50
CA CYS A 32 -4.18 -1.44 1.51
C CYS A 32 -5.23 -2.53 1.33
N GLU A 33 -5.97 -2.46 0.23
CA GLU A 33 -7.01 -3.43 -0.07
C GLU A 33 -7.69 -3.12 -1.40
N ASN A 34 -8.17 -1.88 -1.52
CA ASN A 34 -8.84 -1.45 -2.75
C ASN A 34 -7.84 -0.87 -3.73
N ARG A 35 -8.16 -0.96 -5.02
CA ARG A 35 -7.30 -0.45 -6.07
C ARG A 35 -7.19 1.07 -6.02
N ASN A 36 -8.05 1.69 -5.24
CA ASN A 36 -8.05 3.14 -5.10
C ASN A 36 -7.15 3.60 -3.97
N GLN A 37 -6.87 2.70 -3.02
CA GLN A 37 -6.02 3.01 -1.88
C GLN A 37 -4.73 2.17 -1.92
N LYS A 38 -3.60 2.84 -1.69
CA LYS A 38 -2.32 2.16 -1.70
C LYS A 38 -1.59 2.34 -0.37
N CYS A 39 -0.70 1.40 -0.05
CA CYS A 39 0.07 1.47 1.19
C CYS A 39 1.34 2.27 0.99
N CYS A 40 1.31 3.53 1.41
CA CYS A 40 2.45 4.43 1.27
C CYS A 40 3.48 4.18 2.36
N GLU A 41 4.62 4.86 2.26
CA GLU A 41 5.69 4.72 3.26
C GLU A 41 5.19 5.06 4.65
N TYR A 42 5.02 4.03 5.48
CA TYR A 42 4.54 4.19 6.84
C TYR A 42 5.07 5.47 7.49
N ILE A 1 -3.52 -8.91 -12.97
CA ILE A 1 -2.73 -9.97 -12.29
C ILE A 1 -1.39 -10.20 -12.97
N MET A 2 -0.31 -9.85 -12.28
CA MET A 2 1.03 -10.00 -12.82
C MET A 2 2.00 -10.48 -11.74
N PHE A 3 2.12 -9.70 -10.67
CA PHE A 3 3.00 -10.03 -9.57
C PHE A 3 2.69 -11.42 -9.01
N PHE A 4 3.33 -11.75 -7.89
CA PHE A 4 3.12 -13.05 -7.26
C PHE A 4 3.43 -12.98 -5.76
N GLU A 5 2.65 -13.69 -4.97
CA GLU A 5 2.84 -13.71 -3.52
C GLU A 5 2.82 -12.30 -2.95
N MET A 6 1.65 -11.67 -2.96
CA MET A 6 1.51 -10.31 -2.45
C MET A 6 0.88 -10.33 -1.05
N GLN A 7 0.45 -9.15 -0.59
CA GLN A 7 -0.18 -9.03 0.72
C GLN A 7 -0.36 -7.56 1.10
N ALA A 8 -0.92 -7.33 2.28
CA ALA A 8 -1.15 -5.98 2.76
C ALA A 8 -0.08 -5.56 3.77
N CYS A 9 -0.21 -4.36 4.32
CA CYS A 9 0.74 -3.85 5.29
C CYS A 9 0.12 -3.79 6.69
N TRP A 10 -0.85 -4.66 6.94
CA TRP A 10 -1.53 -4.69 8.23
C TRP A 10 -0.53 -4.85 9.37
N SER A 11 0.57 -5.54 9.09
CA SER A 11 1.61 -5.75 10.09
C SER A 11 2.73 -4.74 9.94
N HIS A 12 3.26 -4.62 8.72
CA HIS A 12 4.34 -3.69 8.44
C HIS A 12 3.92 -2.25 8.75
N SER A 13 2.61 -2.00 8.68
CA SER A 13 2.08 -0.67 8.95
C SER A 13 2.59 0.35 7.93
N GLY A 14 1.74 1.29 7.55
CA GLY A 14 2.11 2.30 6.60
C GLY A 14 1.15 3.47 6.56
N VAL A 15 0.78 3.89 5.35
CA VAL A 15 -0.15 5.01 5.19
C VAL A 15 -1.11 4.75 4.03
N CYS A 16 -2.17 3.99 4.31
CA CYS A 16 -3.16 3.66 3.29
C CYS A 16 -3.93 4.92 2.86
N ARG A 17 -3.41 5.60 1.85
CA ARG A 17 -4.03 6.81 1.34
C ARG A 17 -4.44 6.64 -0.11
N ASP A 18 -4.76 7.74 -0.78
CA ASP A 18 -5.19 7.70 -2.17
C ASP A 18 -3.99 7.45 -3.09
N LYS A 19 -4.16 6.58 -4.07
CA LYS A 19 -3.09 6.26 -5.01
C LYS A 19 -2.72 7.49 -5.83
N SER A 20 -3.71 8.30 -6.13
CA SER A 20 -3.49 9.53 -6.90
C SER A 20 -3.55 10.75 -5.99
N GLU A 21 -3.07 10.58 -4.76
CA GLU A 21 -3.07 11.66 -3.80
C GLU A 21 -1.94 12.64 -4.10
N ARG A 22 -1.77 13.63 -3.23
CA ARG A 22 -0.74 14.64 -3.41
C ARG A 22 0.19 14.70 -2.21
N ASN A 23 0.19 13.65 -1.39
CA ASN A 23 1.03 13.60 -0.21
C ASN A 23 1.42 12.16 0.12
N CYS A 24 1.71 11.38 -0.91
CA CYS A 24 2.08 9.98 -0.74
C CYS A 24 3.60 9.82 -0.75
N LYS A 25 4.09 8.85 0.02
CA LYS A 25 5.52 8.59 0.10
C LYS A 25 5.89 7.31 -0.65
N PRO A 26 7.19 7.03 -0.83
CA PRO A 26 7.65 5.83 -1.54
C PRO A 26 7.01 4.56 -0.98
N MET A 27 5.85 4.21 -1.51
CA MET A 27 5.13 3.01 -1.07
C MET A 27 5.93 1.75 -1.35
N ALA A 28 5.52 0.65 -0.74
CA ALA A 28 6.20 -0.63 -0.92
C ALA A 28 5.28 -1.64 -1.62
N TRP A 29 5.81 -2.83 -1.88
CA TRP A 29 5.06 -3.88 -2.54
C TRP A 29 3.71 -4.09 -1.87
N THR A 30 3.68 -3.96 -0.54
CA THR A 30 2.44 -4.13 0.22
C THR A 30 1.37 -3.15 -0.24
N TYR A 31 0.11 -3.57 -0.15
CA TYR A 31 -1.01 -2.73 -0.55
C TYR A 31 -2.08 -2.68 0.53
N CYS A 32 -3.15 -1.94 0.27
CA CYS A 32 -4.24 -1.81 1.22
C CYS A 32 -5.34 -2.83 0.94
N GLU A 33 -6.05 -2.62 -0.18
CA GLU A 33 -7.13 -3.53 -0.57
C GLU A 33 -7.80 -3.04 -1.86
N ASN A 34 -8.09 -1.75 -1.92
CA ASN A 34 -8.72 -1.17 -3.09
C ASN A 34 -7.69 -0.52 -4.01
N ARG A 35 -7.95 -0.58 -5.31
CA ARG A 35 -7.04 -0.02 -6.30
C ARG A 35 -7.01 1.51 -6.23
N ASN A 36 -7.90 2.08 -5.44
CA ASN A 36 -7.98 3.53 -5.28
C ASN A 36 -7.08 4.01 -4.14
N GLN A 37 -6.73 3.08 -3.25
CA GLN A 37 -5.87 3.42 -2.11
C GLN A 37 -4.70 2.45 -2.01
N LYS A 38 -3.53 2.98 -1.65
CA LYS A 38 -2.34 2.16 -1.52
C LYS A 38 -1.61 2.45 -0.21
N CYS A 39 -0.80 1.49 0.23
CA CYS A 39 -0.04 1.64 1.47
C CYS A 39 1.27 2.35 1.22
N CYS A 40 1.26 3.68 1.38
CA CYS A 40 2.45 4.48 1.16
C CYS A 40 3.37 4.46 2.38
N GLU A 41 4.60 4.92 2.21
CA GLU A 41 5.56 4.96 3.30
C GLU A 41 5.18 6.00 4.34
N TYR A 42 5.34 5.64 5.62
CA TYR A 42 5.02 6.53 6.73
C TYR A 42 5.31 7.99 6.41
N ILE A 1 0.02 -10.61 -11.25
CA ILE A 1 1.32 -10.98 -10.62
C ILE A 1 1.73 -12.40 -11.01
N MET A 2 3.03 -12.61 -11.15
CA MET A 2 3.55 -13.93 -11.52
C MET A 2 4.71 -14.32 -10.62
N PHE A 3 4.69 -15.55 -10.13
CA PHE A 3 5.75 -16.05 -9.26
C PHE A 3 5.85 -15.21 -7.99
N PHE A 4 4.69 -14.82 -7.45
CA PHE A 4 4.66 -14.02 -6.24
C PHE A 4 3.26 -14.03 -5.62
N GLU A 5 2.99 -13.08 -4.73
CA GLU A 5 1.70 -12.98 -4.08
C GLU A 5 1.68 -11.82 -3.09
N MET A 6 1.13 -10.69 -3.54
CA MET A 6 1.05 -9.50 -2.70
C MET A 6 0.03 -9.70 -1.57
N GLN A 7 -0.24 -8.63 -0.83
CA GLN A 7 -1.20 -8.68 0.27
C GLN A 7 -1.27 -7.33 0.99
N ALA A 8 -2.00 -7.30 2.10
CA ALA A 8 -2.15 -6.07 2.87
C ALA A 8 -0.88 -5.75 3.65
N CYS A 9 -0.72 -4.47 4.00
CA CYS A 9 0.44 -4.02 4.74
C CYS A 9 0.08 -3.68 6.19
N TRP A 10 -0.99 -4.30 6.68
CA TRP A 10 -1.45 -4.07 8.05
C TRP A 10 -0.33 -4.33 9.06
N SER A 11 0.53 -5.29 8.73
CA SER A 11 1.64 -5.64 9.62
C SER A 11 2.88 -4.81 9.31
N HIS A 12 3.06 -4.49 8.02
CA HIS A 12 4.21 -3.70 7.60
C HIS A 12 4.09 -2.25 8.07
N SER A 13 2.88 -1.85 8.47
CA SER A 13 2.64 -0.50 8.95
C SER A 13 2.81 0.52 7.82
N GLY A 14 1.78 1.35 7.62
CA GLY A 14 1.82 2.34 6.57
C GLY A 14 0.63 3.29 6.63
N VAL A 15 0.45 4.07 5.58
CA VAL A 15 -0.65 5.02 5.53
C VAL A 15 -1.53 4.77 4.31
N CYS A 16 -2.60 4.01 4.50
CA CYS A 16 -3.53 3.69 3.42
C CYS A 16 -4.18 4.96 2.87
N ARG A 17 -3.52 5.61 1.93
CA ARG A 17 -4.03 6.83 1.32
C ARG A 17 -4.70 6.54 -0.02
N ASP A 18 -4.90 7.56 -0.82
CA ASP A 18 -5.53 7.41 -2.12
C ASP A 18 -4.50 7.28 -3.23
N LYS A 19 -4.77 6.43 -4.20
CA LYS A 19 -3.85 6.22 -5.32
C LYS A 19 -3.62 7.51 -6.09
N SER A 20 -4.68 8.27 -6.28
CA SER A 20 -4.61 9.53 -7.00
C SER A 20 -3.93 10.60 -6.15
N GLU A 21 -3.75 10.32 -4.86
CA GLU A 21 -3.12 11.25 -3.95
C GLU A 21 -1.67 10.84 -3.66
N ARG A 22 -0.74 11.42 -4.42
CA ARG A 22 0.67 11.11 -4.25
C ARG A 22 1.36 12.16 -3.39
N ASN A 23 0.67 12.58 -2.33
CA ASN A 23 1.22 13.58 -1.41
C ASN A 23 1.81 12.92 -0.18
N CYS A 24 2.21 11.66 -0.32
CA CYS A 24 2.79 10.91 0.80
C CYS A 24 4.19 10.42 0.43
N LYS A 25 4.78 9.62 1.31
CA LYS A 25 6.11 9.07 1.09
C LYS A 25 6.07 7.94 0.07
N PRO A 26 7.19 7.68 -0.62
CA PRO A 26 7.27 6.62 -1.63
C PRO A 26 7.07 5.24 -1.03
N MET A 27 5.88 4.68 -1.22
CA MET A 27 5.56 3.36 -0.70
C MET A 27 6.49 2.29 -1.28
N ALA A 28 6.51 1.13 -0.64
CA ALA A 28 7.35 0.03 -1.09
C ALA A 28 6.57 -1.28 -1.09
N TRP A 29 6.19 -1.74 -2.28
CA TRP A 29 5.44 -2.98 -2.43
C TRP A 29 4.26 -3.04 -1.45
N THR A 30 3.52 -4.15 -1.49
CA THR A 30 2.36 -4.32 -0.62
C THR A 30 1.29 -3.28 -0.93
N TYR A 31 0.06 -3.54 -0.50
CA TYR A 31 -1.04 -2.62 -0.73
C TYR A 31 -1.94 -2.50 0.49
N CYS A 32 -2.99 -1.70 0.37
CA CYS A 32 -3.94 -1.49 1.46
C CYS A 32 -5.06 -2.51 1.41
N GLU A 33 -5.85 -2.46 0.34
CA GLU A 33 -6.97 -3.37 0.17
C GLU A 33 -7.69 -3.12 -1.15
N ASN A 34 -7.91 -1.84 -1.45
CA ASN A 34 -8.57 -1.44 -2.69
C ASN A 34 -7.58 -0.82 -3.66
N ARG A 35 -7.85 -0.97 -4.95
CA ARG A 35 -6.98 -0.42 -5.98
C ARG A 35 -7.04 1.10 -6.03
N ASN A 36 -7.95 1.68 -5.26
CA ASN A 36 -8.11 3.12 -5.21
C ASN A 36 -7.23 3.74 -4.13
N GLN A 37 -6.76 2.91 -3.20
CA GLN A 37 -5.90 3.37 -2.12
C GLN A 37 -4.55 2.67 -2.17
N LYS A 38 -3.50 3.37 -1.72
CA LYS A 38 -2.15 2.81 -1.72
C LYS A 38 -1.57 2.79 -0.30
N CYS A 39 -0.52 2.00 -0.12
CA CYS A 39 0.12 1.89 1.19
C CYS A 39 1.33 2.82 1.28
N CYS A 40 1.08 4.09 1.59
CA CYS A 40 2.14 5.09 1.71
C CYS A 40 3.20 4.63 2.71
N GLU A 41 4.43 5.12 2.52
CA GLU A 41 5.53 4.76 3.40
C GLU A 41 5.38 5.42 4.77
N TYR A 42 5.04 4.61 5.78
CA TYR A 42 4.85 5.10 7.14
C TYR A 42 5.83 6.23 7.49
N ILE A 1 -7.43 -14.69 -8.49
CA ILE A 1 -5.98 -14.70 -8.15
C ILE A 1 -5.76 -14.83 -6.65
N MET A 2 -5.07 -15.89 -6.24
CA MET A 2 -4.80 -16.12 -4.83
C MET A 2 -3.30 -16.34 -4.60
N PHE A 3 -2.82 -15.88 -3.44
CA PHE A 3 -1.41 -16.02 -3.10
C PHE A 3 -0.53 -15.30 -4.11
N PHE A 4 -0.44 -13.98 -3.97
CA PHE A 4 0.38 -13.17 -4.87
C PHE A 4 1.58 -12.58 -4.14
N GLU A 5 2.66 -12.36 -4.88
CA GLU A 5 3.88 -11.80 -4.31
C GLU A 5 3.59 -10.65 -3.36
N MET A 6 2.53 -9.91 -3.66
CA MET A 6 2.13 -8.77 -2.82
C MET A 6 1.46 -9.25 -1.54
N GLN A 7 0.95 -8.30 -0.76
CA GLN A 7 0.26 -8.63 0.49
C GLN A 7 -0.12 -7.35 1.23
N ALA A 8 -1.07 -7.47 2.15
CA ALA A 8 -1.53 -6.33 2.94
C ALA A 8 -0.42 -5.81 3.85
N CYS A 9 -0.51 -4.53 4.18
CA CYS A 9 0.49 -3.90 5.04
C CYS A 9 -0.11 -3.48 6.38
N TRP A 10 -1.26 -4.07 6.72
CA TRP A 10 -1.95 -3.76 7.96
C TRP A 10 -1.03 -3.98 9.17
N SER A 11 -0.32 -5.11 9.17
CA SER A 11 0.58 -5.45 10.26
C SER A 11 1.98 -4.90 9.99
N HIS A 12 2.28 -4.61 8.72
CA HIS A 12 3.59 -4.08 8.36
C HIS A 12 3.57 -2.56 8.26
N SER A 13 2.63 -1.94 8.97
CA SER A 13 2.49 -0.48 8.97
C SER A 13 2.30 0.05 7.55
N GLY A 14 2.17 1.36 7.43
CA GLY A 14 1.98 1.97 6.12
C GLY A 14 0.95 3.09 6.15
N VAL A 15 0.93 3.88 5.08
CA VAL A 15 -0.02 4.99 4.99
C VAL A 15 -1.00 4.78 3.84
N CYS A 16 -2.10 4.10 4.12
CA CYS A 16 -3.11 3.85 3.11
C CYS A 16 -3.80 5.13 2.68
N ARG A 17 -3.37 5.67 1.54
CA ARG A 17 -3.95 6.90 1.01
C ARG A 17 -4.54 6.67 -0.38
N ASP A 18 -4.81 7.75 -1.10
CA ASP A 18 -5.39 7.65 -2.44
C ASP A 18 -4.29 7.39 -3.48
N LYS A 19 -4.59 6.49 -4.42
CA LYS A 19 -3.62 6.16 -5.47
C LYS A 19 -3.07 7.42 -6.13
N SER A 20 -3.88 8.48 -6.15
CA SER A 20 -3.48 9.75 -6.74
C SER A 20 -3.12 10.75 -5.65
N GLU A 21 -2.66 10.25 -4.51
CA GLU A 21 -2.28 11.09 -3.39
C GLU A 21 -1.15 12.04 -3.78
N ARG A 22 -1.43 13.33 -3.73
CA ARG A 22 -0.44 14.34 -4.09
C ARG A 22 0.40 14.75 -2.88
N ASN A 23 0.31 13.98 -1.81
CA ASN A 23 1.05 14.25 -0.59
C ASN A 23 1.38 12.95 0.13
N CYS A 24 1.78 11.94 -0.64
CA CYS A 24 2.10 10.63 -0.09
C CYS A 24 3.62 10.42 -0.03
N LYS A 25 4.01 9.30 0.59
CA LYS A 25 5.43 8.96 0.72
C LYS A 25 5.80 7.85 -0.26
N PRO A 26 7.10 7.59 -0.44
CA PRO A 26 7.58 6.55 -1.36
C PRO A 26 7.21 5.14 -0.89
N MET A 27 6.08 4.65 -1.39
CA MET A 27 5.60 3.32 -1.02
C MET A 27 6.61 2.25 -1.40
N ALA A 28 6.38 1.04 -0.91
CA ALA A 28 7.25 -0.09 -1.18
C ALA A 28 6.42 -1.38 -1.21
N TRP A 29 6.26 -1.95 -2.40
CA TRP A 29 5.49 -3.17 -2.60
C TRP A 29 4.24 -3.18 -1.70
N THR A 30 3.70 -4.37 -1.45
CA THR A 30 2.50 -4.50 -0.61
C THR A 30 1.39 -3.57 -1.10
N TYR A 31 0.26 -3.60 -0.39
CA TYR A 31 -0.89 -2.76 -0.74
C TYR A 31 -1.75 -2.51 0.49
N CYS A 32 -2.83 -1.74 0.31
CA CYS A 32 -3.74 -1.43 1.40
C CYS A 32 -4.85 -2.48 1.49
N GLU A 33 -5.77 -2.42 0.55
CA GLU A 33 -6.89 -3.36 0.52
C GLU A 33 -7.79 -3.11 -0.69
N ASN A 34 -8.00 -1.83 -1.00
CA ASN A 34 -8.82 -1.46 -2.15
C ASN A 34 -7.96 -0.92 -3.28
N ARG A 35 -8.40 -1.15 -4.51
CA ARG A 35 -7.68 -0.69 -5.69
C ARG A 35 -7.68 0.83 -5.81
N ASN A 36 -8.48 1.47 -4.97
CA ASN A 36 -8.57 2.93 -4.98
C ASN A 36 -7.53 3.55 -4.05
N GLN A 37 -7.06 2.77 -3.08
CA GLN A 37 -6.08 3.25 -2.12
C GLN A 37 -4.84 2.35 -2.12
N LYS A 38 -3.67 2.96 -1.94
CA LYS A 38 -2.42 2.21 -1.94
C LYS A 38 -1.67 2.42 -0.63
N CYS A 39 -0.79 1.47 -0.30
CA CYS A 39 0.00 1.54 0.92
C CYS A 39 1.26 2.36 0.69
N CYS A 40 1.39 3.47 1.40
CA CYS A 40 2.54 4.34 1.28
C CYS A 40 3.59 4.06 2.34
N GLU A 41 4.72 4.75 2.27
CA GLU A 41 5.80 4.57 3.22
C GLU A 41 5.40 5.09 4.60
N TYR A 42 5.10 4.16 5.51
CA TYR A 42 4.70 4.51 6.87
C TYR A 42 5.43 5.73 7.40
N ILE A 1 -7.94 -20.09 -6.76
CA ILE A 1 -7.10 -19.08 -6.06
C ILE A 1 -6.07 -19.73 -5.16
N MET A 2 -4.85 -19.21 -5.18
CA MET A 2 -3.77 -19.75 -4.36
C MET A 2 -2.50 -18.92 -4.51
N PHE A 3 -1.70 -18.87 -3.44
CA PHE A 3 -0.47 -18.11 -3.45
C PHE A 3 -0.74 -16.62 -3.64
N PHE A 4 0.08 -15.78 -3.00
CA PHE A 4 -0.08 -14.34 -3.09
C PHE A 4 1.14 -13.62 -2.52
N GLU A 5 2.18 -13.49 -3.35
CA GLU A 5 3.41 -12.83 -2.95
C GLU A 5 3.14 -11.55 -2.16
N MET A 6 2.06 -10.86 -2.53
CA MET A 6 1.70 -9.62 -1.85
C MET A 6 0.90 -9.90 -0.58
N GLN A 7 0.48 -8.83 0.09
CA GLN A 7 -0.29 -8.95 1.32
C GLN A 7 -0.59 -7.57 1.90
N ALA A 8 -1.61 -7.49 2.75
CA ALA A 8 -1.99 -6.24 3.37
C ALA A 8 -0.83 -5.65 4.17
N CYS A 9 -0.76 -4.32 4.22
CA CYS A 9 0.31 -3.64 4.95
C CYS A 9 -0.15 -3.27 6.37
N TRP A 10 -1.21 -3.91 6.84
CA TRP A 10 -1.74 -3.65 8.17
C TRP A 10 -0.66 -3.86 9.23
N SER A 11 0.09 -4.95 9.09
CA SER A 11 1.15 -5.27 10.04
C SER A 11 2.47 -4.65 9.63
N HIS A 12 2.60 -4.30 8.35
CA HIS A 12 3.82 -3.70 7.83
C HIS A 12 3.72 -2.17 7.81
N SER A 13 2.86 -1.62 8.66
CA SER A 13 2.67 -0.19 8.74
C SER A 13 2.29 0.40 7.38
N GLY A 14 2.33 1.72 7.28
CA GLY A 14 1.97 2.38 6.02
C GLY A 14 0.76 3.27 6.17
N VAL A 15 0.63 4.25 5.28
CA VAL A 15 -0.50 5.17 5.31
C VAL A 15 -1.40 4.98 4.10
N CYS A 16 -2.33 4.04 4.21
CA CYS A 16 -3.26 3.74 3.13
C CYS A 16 -4.06 4.98 2.72
N ARG A 17 -3.64 5.62 1.64
CA ARG A 17 -4.31 6.81 1.14
C ARG A 17 -4.85 6.58 -0.27
N ASP A 18 -5.10 7.66 -1.00
CA ASP A 18 -5.62 7.56 -2.37
C ASP A 18 -4.49 7.36 -3.36
N LYS A 19 -4.75 6.57 -4.40
CA LYS A 19 -3.75 6.29 -5.43
C LYS A 19 -3.12 7.58 -5.94
N SER A 20 -3.87 8.67 -5.85
CA SER A 20 -3.39 9.97 -6.30
C SER A 20 -2.79 10.75 -5.13
N GLU A 21 -2.23 10.02 -4.18
CA GLU A 21 -1.61 10.63 -3.00
C GLU A 21 -0.45 11.56 -3.41
N ARG A 22 -0.64 12.85 -3.16
CA ARG A 22 0.38 13.84 -3.50
C ARG A 22 0.94 14.51 -2.25
N ASN A 23 0.75 13.87 -1.09
CA ASN A 23 1.23 14.41 0.17
C ASN A 23 2.16 13.44 0.89
N CYS A 24 1.91 12.15 0.71
CA CYS A 24 2.72 11.11 1.33
C CYS A 24 3.89 10.72 0.44
N LYS A 25 4.60 9.65 0.82
CA LYS A 25 5.75 9.18 0.06
C LYS A 25 5.35 8.01 -0.84
N PRO A 26 6.23 7.63 -1.78
CA PRO A 26 5.96 6.51 -2.70
C PRO A 26 5.92 5.18 -1.98
N MET A 27 4.79 4.47 -2.14
CA MET A 27 4.62 3.17 -1.51
C MET A 27 5.70 2.19 -1.95
N ALA A 28 5.99 1.21 -1.10
CA ALA A 28 7.00 0.21 -1.41
C ALA A 28 6.47 -1.20 -1.15
N TRP A 29 6.11 -1.89 -2.23
CA TRP A 29 5.58 -3.24 -2.15
C TRP A 29 4.38 -3.30 -1.20
N THR A 30 3.72 -4.45 -1.13
CA THR A 30 2.56 -4.62 -0.27
C THR A 30 1.40 -3.77 -0.76
N TYR A 31 0.19 -4.09 -0.29
CA TYR A 31 -1.00 -3.35 -0.69
C TYR A 31 -1.88 -3.05 0.52
N CYS A 32 -2.88 -2.19 0.31
CA CYS A 32 -3.81 -1.82 1.38
C CYS A 32 -5.00 -2.77 1.42
N GLU A 33 -5.79 -2.76 0.34
CA GLU A 33 -6.96 -3.62 0.25
C GLU A 33 -7.66 -3.43 -1.09
N ASN A 34 -7.89 -2.17 -1.46
CA ASN A 34 -8.54 -1.85 -2.73
C ASN A 34 -7.54 -1.28 -3.72
N ARG A 35 -7.76 -1.53 -5.00
CA ARG A 35 -6.88 -1.05 -6.05
C ARG A 35 -6.96 0.46 -6.21
N ASN A 36 -7.89 1.08 -5.50
CA ASN A 36 -8.06 2.53 -5.56
C ASN A 36 -7.21 3.23 -4.50
N GLN A 37 -6.80 2.48 -3.48
CA GLN A 37 -5.98 3.03 -2.40
C GLN A 37 -4.55 2.50 -2.48
N LYS A 38 -3.60 3.33 -2.05
CA LYS A 38 -2.19 2.94 -2.06
C LYS A 38 -1.57 3.08 -0.67
N CYS A 39 -0.86 2.06 -0.24
CA CYS A 39 -0.22 2.08 1.07
C CYS A 39 1.06 2.92 1.05
N CYS A 40 0.95 4.18 1.47
CA CYS A 40 2.09 5.08 1.50
C CYS A 40 3.22 4.50 2.35
N GLU A 41 4.45 4.91 2.05
CA GLU A 41 5.62 4.43 2.78
C GLU A 41 5.50 4.75 4.27
N TYR A 42 5.31 3.69 5.08
CA TYR A 42 5.16 3.83 6.51
C TYR A 42 6.06 4.93 7.08
N ILE A 1 10.53 -20.70 5.01
CA ILE A 1 9.79 -20.84 3.72
C ILE A 1 8.36 -20.32 3.85
N MET A 2 8.17 -19.05 3.53
CA MET A 2 6.84 -18.43 3.62
C MET A 2 6.28 -18.16 2.23
N PHE A 3 6.94 -17.27 1.50
CA PHE A 3 6.50 -16.93 0.15
C PHE A 3 5.09 -16.33 0.16
N PHE A 4 5.02 -15.02 0.34
CA PHE A 4 3.73 -14.32 0.38
C PHE A 4 3.49 -13.56 -0.92
N GLU A 5 2.47 -13.97 -1.67
CA GLU A 5 2.13 -13.34 -2.93
C GLU A 5 2.18 -11.81 -2.83
N MET A 6 1.42 -11.26 -1.89
CA MET A 6 1.38 -9.82 -1.70
C MET A 6 0.94 -9.47 -0.28
N GLN A 7 -0.33 -9.75 0.03
CA GLN A 7 -0.87 -9.47 1.35
C GLN A 7 -0.92 -7.97 1.60
N ALA A 8 -1.33 -7.58 2.81
CA ALA A 8 -1.42 -6.18 3.18
C ALA A 8 -0.18 -5.73 3.94
N CYS A 9 -0.15 -4.46 4.33
CA CYS A 9 0.97 -3.90 5.06
C CYS A 9 0.57 -3.50 6.48
N TRP A 10 -0.47 -4.17 7.00
CA TRP A 10 -0.95 -3.89 8.35
C TRP A 10 0.16 -4.03 9.38
N SER A 11 0.91 -5.13 9.29
CA SER A 11 2.00 -5.39 10.22
C SER A 11 3.34 -4.98 9.60
N HIS A 12 3.31 -3.97 8.74
CA HIS A 12 4.53 -3.49 8.08
C HIS A 12 4.47 -1.98 7.87
N SER A 13 3.76 -1.30 8.77
CA SER A 13 3.63 0.16 8.68
C SER A 13 3.01 0.57 7.34
N GLY A 14 2.92 1.88 7.13
CA GLY A 14 2.35 2.39 5.89
C GLY A 14 1.01 3.06 6.11
N VAL A 15 0.65 3.96 5.20
CA VAL A 15 -0.62 4.68 5.30
C VAL A 15 -1.48 4.44 4.07
N CYS A 16 -2.62 3.79 4.27
CA CYS A 16 -3.54 3.50 3.18
C CYS A 16 -4.22 4.78 2.68
N ARG A 17 -3.56 5.45 1.74
CA ARG A 17 -4.10 6.68 1.17
C ARG A 17 -4.51 6.48 -0.28
N ASP A 18 -4.65 7.56 -1.03
CA ASP A 18 -5.04 7.48 -2.43
C ASP A 18 -3.83 7.22 -3.32
N LYS A 19 -4.01 6.36 -4.34
CA LYS A 19 -2.93 6.03 -5.26
C LYS A 19 -2.24 7.29 -5.77
N SER A 20 -3.02 8.35 -5.93
CA SER A 20 -2.51 9.61 -6.43
C SER A 20 -2.26 10.59 -5.28
N GLU A 21 -2.02 10.05 -4.09
CA GLU A 21 -1.78 10.88 -2.91
C GLU A 21 -0.60 11.83 -3.14
N ARG A 22 -0.90 13.12 -3.18
CA ARG A 22 0.13 14.13 -3.41
C ARG A 22 0.60 14.75 -2.09
N ASN A 23 0.45 14.00 -1.00
CA ASN A 23 0.87 14.49 0.31
C ASN A 23 1.55 13.39 1.13
N CYS A 24 1.81 12.24 0.51
CA CYS A 24 2.45 11.13 1.19
C CYS A 24 3.61 10.58 0.36
N LYS A 25 4.44 9.74 0.99
CA LYS A 25 5.58 9.16 0.30
C LYS A 25 5.17 7.95 -0.54
N PRO A 26 6.01 7.55 -1.52
CA PRO A 26 5.71 6.42 -2.39
C PRO A 26 5.48 5.13 -1.62
N MET A 27 4.33 4.51 -1.84
CA MET A 27 3.98 3.26 -1.16
C MET A 27 5.03 2.18 -1.43
N ALA A 28 5.00 1.13 -0.62
CA ALA A 28 5.93 0.02 -0.76
C ALA A 28 5.18 -1.30 -0.88
N TRP A 29 5.02 -1.77 -2.12
CA TRP A 29 4.32 -3.01 -2.42
C TRP A 29 3.12 -3.23 -1.49
N THR A 30 2.67 -4.48 -1.37
CA THR A 30 1.51 -4.80 -0.53
C THR A 30 0.27 -4.08 -1.04
N TYR A 31 -0.88 -4.37 -0.43
CA TYR A 31 -2.13 -3.75 -0.83
C TYR A 31 -3.00 -3.43 0.39
N CYS A 32 -3.84 -2.41 0.25
CA CYS A 32 -4.72 -2.00 1.34
C CYS A 32 -6.06 -2.74 1.25
N GLU A 33 -6.72 -2.63 0.11
CA GLU A 33 -8.00 -3.29 -0.11
C GLU A 33 -8.49 -3.06 -1.53
N ASN A 34 -8.40 -1.81 -1.99
CA ASN A 34 -8.82 -1.46 -3.34
C ASN A 34 -7.62 -1.13 -4.21
N ARG A 35 -7.75 -1.35 -5.51
CA ARG A 35 -6.67 -1.08 -6.45
C ARG A 35 -6.40 0.41 -6.58
N ASN A 36 -7.29 1.22 -6.00
CA ASN A 36 -7.14 2.67 -6.04
C ASN A 36 -6.36 3.18 -4.84
N GLN A 37 -6.34 2.38 -3.77
CA GLN A 37 -5.62 2.77 -2.55
C GLN A 37 -4.18 2.30 -2.59
N LYS A 38 -3.30 3.07 -1.98
CA LYS A 38 -1.87 2.74 -1.95
C LYS A 38 -1.35 2.72 -0.52
N CYS A 39 -0.35 1.87 -0.28
CA CYS A 39 0.24 1.76 1.05
C CYS A 39 1.43 2.70 1.20
N CYS A 40 1.14 3.99 1.38
CA CYS A 40 2.17 5.02 1.53
C CYS A 40 3.28 4.55 2.47
N GLU A 41 4.46 5.16 2.34
CA GLU A 41 5.60 4.81 3.19
C GLU A 41 5.69 5.74 4.38
N TYR A 42 5.25 5.27 5.55
CA TYR A 42 5.27 6.04 6.78
C TYR A 42 6.47 6.99 6.85
N ILE A 1 -7.68 -13.88 -4.66
CA ILE A 1 -6.50 -13.94 -3.74
C ILE A 1 -6.03 -15.38 -3.56
N MET A 2 -5.53 -15.98 -4.64
CA MET A 2 -5.03 -17.35 -4.59
C MET A 2 -3.51 -17.38 -4.52
N PHE A 3 -2.86 -16.70 -5.46
CA PHE A 3 -1.41 -16.64 -5.51
C PHE A 3 -0.82 -16.30 -4.15
N PHE A 4 0.47 -16.57 -3.98
CA PHE A 4 1.15 -16.29 -2.71
C PHE A 4 2.45 -15.53 -2.96
N GLU A 5 2.50 -14.30 -2.44
CA GLU A 5 3.68 -13.46 -2.58
C GLU A 5 3.46 -12.10 -1.92
N MET A 6 2.27 -11.54 -2.12
CA MET A 6 1.93 -10.25 -1.54
C MET A 6 1.34 -10.41 -0.15
N GLN A 7 0.91 -9.29 0.45
CA GLN A 7 0.33 -9.30 1.77
C GLN A 7 -0.01 -7.88 2.22
N ALA A 8 -0.96 -7.76 3.15
CA ALA A 8 -1.37 -6.46 3.65
C ALA A 8 -0.21 -5.75 4.34
N CYS A 9 -0.36 -4.43 4.51
CA CYS A 9 0.69 -3.63 5.15
C CYS A 9 0.14 -2.93 6.40
N TRP A 10 -1.07 -3.30 6.81
CA TRP A 10 -1.69 -2.71 8.00
C TRP A 10 -0.77 -2.81 9.21
N SER A 11 -0.23 -4.00 9.43
CA SER A 11 0.66 -4.24 10.57
C SER A 11 2.10 -4.44 10.09
N HIS A 12 2.45 -3.79 8.98
CA HIS A 12 3.80 -3.91 8.42
C HIS A 12 4.30 -2.55 7.94
N SER A 13 4.00 -1.51 8.72
CA SER A 13 4.42 -0.16 8.37
C SER A 13 3.83 0.28 7.04
N GLY A 14 2.98 1.29 7.09
CA GLY A 14 2.35 1.80 5.88
C GLY A 14 1.06 2.53 6.16
N VAL A 15 0.74 3.52 5.32
CA VAL A 15 -0.49 4.30 5.49
C VAL A 15 -1.30 4.32 4.20
N CYS A 16 -2.26 3.40 4.11
CA CYS A 16 -3.13 3.31 2.93
C CYS A 16 -3.86 4.61 2.69
N ARG A 17 -3.42 5.36 1.68
CA ARG A 17 -4.05 6.63 1.34
C ARG A 17 -4.66 6.58 -0.06
N ASP A 18 -5.00 7.75 -0.60
CA ASP A 18 -5.60 7.84 -1.93
C ASP A 18 -4.52 7.97 -2.99
N LYS A 19 -4.65 7.18 -4.06
CA LYS A 19 -3.69 7.21 -5.16
C LYS A 19 -3.62 8.60 -5.78
N SER A 20 -4.73 9.32 -5.74
CA SER A 20 -4.80 10.66 -6.29
C SER A 20 -4.46 11.72 -5.25
N GLU A 21 -3.85 11.30 -4.14
CA GLU A 21 -3.48 12.21 -3.07
C GLU A 21 -2.00 12.58 -3.15
N ARG A 22 -1.16 11.57 -3.42
CA ARG A 22 0.28 11.77 -3.52
C ARG A 22 0.81 12.73 -2.45
N ASN A 23 0.29 12.60 -1.24
CA ASN A 23 0.71 13.45 -0.14
C ASN A 23 1.51 12.66 0.90
N CYS A 24 1.93 11.46 0.54
CA CYS A 24 2.69 10.60 1.44
C CYS A 24 3.92 10.03 0.73
N LYS A 25 4.72 9.26 1.46
CA LYS A 25 5.91 8.65 0.90
C LYS A 25 5.56 7.61 -0.15
N PRO A 26 6.55 7.14 -0.93
CA PRO A 26 6.34 6.14 -1.98
C PRO A 26 5.99 4.77 -1.41
N MET A 27 4.80 4.27 -1.76
CA MET A 27 4.33 2.98 -1.30
C MET A 27 5.39 1.89 -1.53
N ALA A 28 5.49 0.97 -0.58
CA ALA A 28 6.45 -0.13 -0.69
C ALA A 28 5.73 -1.47 -0.74
N TRP A 29 5.64 -2.04 -1.94
CA TRP A 29 4.99 -3.33 -2.15
C TRP A 29 3.75 -3.49 -1.26
N THR A 30 3.34 -4.74 -1.04
CA THR A 30 2.16 -5.02 -0.22
C THR A 30 0.90 -4.48 -0.88
N TYR A 31 -0.25 -4.73 -0.27
CA TYR A 31 -1.52 -4.26 -0.81
C TYR A 31 -2.44 -3.78 0.31
N CYS A 32 -3.34 -2.86 -0.04
CA CYS A 32 -4.28 -2.30 0.93
C CYS A 32 -5.63 -3.01 0.83
N GLU A 33 -6.36 -2.73 -0.24
CA GLU A 33 -7.67 -3.34 -0.46
C GLU A 33 -8.25 -2.91 -1.80
N ASN A 34 -8.22 -1.61 -2.06
CA ASN A 34 -8.74 -1.06 -3.31
C ASN A 34 -7.60 -0.70 -4.25
N ARG A 35 -7.78 -1.01 -5.53
CA ARG A 35 -6.76 -0.73 -6.54
C ARG A 35 -6.61 0.78 -6.78
N ASN A 36 -7.50 1.56 -6.18
CA ASN A 36 -7.46 3.01 -6.32
C ASN A 36 -6.75 3.67 -5.14
N GLN A 37 -6.06 2.86 -4.33
CA GLN A 37 -5.35 3.38 -3.16
C GLN A 37 -3.89 2.92 -3.17
N LYS A 38 -3.05 3.60 -2.40
CA LYS A 38 -1.64 3.26 -2.33
C LYS A 38 -1.17 3.20 -0.87
N CYS A 39 -0.51 2.11 -0.51
CA CYS A 39 -0.01 1.93 0.85
C CYS A 39 1.26 2.76 1.07
N CYS A 40 1.08 3.99 1.52
CA CYS A 40 2.21 4.88 1.79
C CYS A 40 3.31 4.17 2.58
N GLU A 41 4.54 4.67 2.46
CA GLU A 41 5.67 4.08 3.16
C GLU A 41 6.38 5.13 4.02
N TYR A 42 5.61 5.75 4.92
CA TYR A 42 6.13 6.77 5.83
C TYR A 42 7.57 6.50 6.24
N ILE A 1 -3.47 -14.40 -9.14
CA ILE A 1 -3.57 -15.21 -10.37
C ILE A 1 -2.27 -15.94 -10.66
N MET A 2 -2.19 -17.19 -10.21
CA MET A 2 -0.99 -18.00 -10.42
C MET A 2 0.24 -17.33 -9.81
N PHE A 3 0.01 -16.47 -8.81
CA PHE A 3 1.09 -15.77 -8.13
C PHE A 3 0.54 -14.80 -7.09
N PHE A 4 1.32 -14.57 -6.04
CA PHE A 4 0.91 -13.66 -4.98
C PHE A 4 1.92 -12.53 -4.82
N GLU A 5 3.05 -12.83 -4.18
CA GLU A 5 4.09 -11.84 -3.96
C GLU A 5 3.52 -10.53 -3.40
N MET A 6 2.40 -10.63 -2.69
CA MET A 6 1.76 -9.47 -2.11
C MET A 6 0.97 -9.84 -0.86
N GLN A 7 0.37 -8.84 -0.22
CA GLN A 7 -0.42 -9.04 0.98
C GLN A 7 -0.70 -7.72 1.68
N ALA A 8 -1.58 -7.76 2.68
CA ALA A 8 -1.93 -6.56 3.43
C ALA A 8 -0.71 -5.95 4.10
N CYS A 9 -0.73 -4.64 4.30
CA CYS A 9 0.40 -3.95 4.93
C CYS A 9 0.13 -3.73 6.42
N TRP A 10 -0.72 -4.57 7.00
CA TRP A 10 -1.04 -4.47 8.42
C TRP A 10 0.22 -4.53 9.27
N SER A 11 1.18 -5.35 8.85
CA SER A 11 2.43 -5.50 9.57
C SER A 11 3.47 -4.49 9.09
N HIS A 12 3.56 -4.33 7.77
CA HIS A 12 4.51 -3.39 7.19
C HIS A 12 4.18 -1.95 7.59
N SER A 13 2.90 -1.70 7.86
CA SER A 13 2.46 -0.37 8.26
C SER A 13 2.67 0.64 7.14
N GLY A 14 1.68 1.51 6.92
CA GLY A 14 1.79 2.51 5.88
C GLY A 14 0.68 3.55 5.97
N VAL A 15 0.43 4.23 4.87
CA VAL A 15 -0.61 5.26 4.84
C VAL A 15 -1.57 5.04 3.66
N CYS A 16 -2.56 4.17 3.88
CA CYS A 16 -3.55 3.86 2.85
C CYS A 16 -4.28 5.12 2.41
N ARG A 17 -3.80 5.74 1.32
CA ARG A 17 -4.41 6.96 0.80
C ARG A 17 -4.81 6.77 -0.66
N ASP A 18 -5.04 7.88 -1.36
CA ASP A 18 -5.43 7.82 -2.76
C ASP A 18 -4.21 7.67 -3.67
N LYS A 19 -4.33 6.80 -4.67
CA LYS A 19 -3.23 6.58 -5.61
C LYS A 19 -2.70 7.89 -6.16
N SER A 20 -3.55 8.90 -6.21
CA SER A 20 -3.16 10.21 -6.71
C SER A 20 -2.85 11.17 -5.56
N GLU A 21 -2.43 10.62 -4.43
CA GLU A 21 -2.09 11.43 -3.27
C GLU A 21 -0.96 12.39 -3.59
N ARG A 22 -1.24 13.67 -3.49
CA ARG A 22 -0.26 14.72 -3.79
C ARG A 22 0.56 15.10 -2.55
N ASN A 23 0.46 14.28 -1.51
CA ASN A 23 1.20 14.54 -0.28
C ASN A 23 1.53 13.22 0.42
N CYS A 24 1.98 12.24 -0.35
CA CYS A 24 2.30 10.93 0.20
C CYS A 24 3.79 10.61 0.02
N LYS A 25 4.18 9.42 0.46
CA LYS A 25 5.57 8.98 0.35
C LYS A 25 5.67 7.69 -0.45
N PRO A 26 6.88 7.29 -0.86
CA PRO A 26 7.10 6.07 -1.65
C PRO A 26 7.02 4.81 -0.80
N MET A 27 5.95 4.04 -1.01
CA MET A 27 5.74 2.80 -0.27
C MET A 27 6.66 1.70 -0.79
N ALA A 28 6.66 0.58 -0.06
CA ALA A 28 7.48 -0.57 -0.43
C ALA A 28 6.62 -1.83 -0.49
N TRP A 29 6.42 -2.34 -1.71
CA TRP A 29 5.61 -3.53 -1.94
C TRP A 29 4.35 -3.54 -1.07
N THR A 30 3.68 -4.68 -1.01
CA THR A 30 2.44 -4.82 -0.23
C THR A 30 1.40 -3.80 -0.68
N TYR A 31 0.17 -3.99 -0.25
CA TYR A 31 -0.92 -3.09 -0.61
C TYR A 31 -1.85 -2.83 0.56
N CYS A 32 -2.87 -2.00 0.33
CA CYS A 32 -3.83 -1.66 1.38
C CYS A 32 -5.00 -2.65 1.37
N GLU A 33 -5.85 -2.55 0.35
CA GLU A 33 -6.99 -3.42 0.22
C GLU A 33 -7.78 -3.10 -1.05
N ASN A 34 -8.19 -1.85 -1.17
CA ASN A 34 -8.95 -1.40 -2.34
C ASN A 34 -8.01 -0.89 -3.42
N ARG A 35 -8.35 -1.19 -4.68
CA ARG A 35 -7.53 -0.77 -5.81
C ARG A 35 -7.57 0.74 -6.00
N ASN A 36 -8.41 1.42 -5.24
CA ASN A 36 -8.53 2.87 -5.33
C ASN A 36 -7.57 3.55 -4.36
N GLN A 37 -7.16 2.82 -3.33
CA GLN A 37 -6.23 3.36 -2.33
C GLN A 37 -5.01 2.45 -2.20
N LYS A 38 -3.84 3.06 -2.08
CA LYS A 38 -2.59 2.31 -1.95
C LYS A 38 -1.92 2.58 -0.60
N CYS A 39 -1.31 1.53 -0.04
CA CYS A 39 -0.63 1.65 1.24
C CYS A 39 0.70 2.37 1.09
N CYS A 40 0.75 3.63 1.50
CA CYS A 40 1.95 4.43 1.40
C CYS A 40 2.99 3.99 2.42
N GLU A 41 4.16 4.63 2.38
CA GLU A 41 5.25 4.30 3.30
C GLU A 41 5.02 4.95 4.66
N TYR A 42 4.90 4.10 5.70
CA TYR A 42 4.67 4.56 7.06
C TYR A 42 5.40 5.87 7.36
N ILE A 1 -4.59 -13.56 -4.21
CA ILE A 1 -4.82 -14.08 -2.84
C ILE A 1 -4.35 -15.52 -2.71
N MET A 2 -4.17 -15.98 -1.47
CA MET A 2 -3.72 -17.33 -1.21
C MET A 2 -2.35 -17.58 -1.82
N PHE A 3 -1.30 -17.40 -1.03
CA PHE A 3 0.07 -17.60 -1.49
C PHE A 3 0.39 -16.65 -2.63
N PHE A 4 1.04 -15.54 -2.31
CA PHE A 4 1.41 -14.55 -3.33
C PHE A 4 2.46 -13.59 -2.78
N GLU A 5 3.51 -13.34 -3.57
CA GLU A 5 4.58 -12.44 -3.18
C GLU A 5 4.04 -11.17 -2.53
N MET A 6 2.86 -10.74 -2.96
CA MET A 6 2.24 -9.54 -2.42
C MET A 6 1.61 -9.81 -1.05
N GLN A 7 1.01 -8.78 -0.47
CA GLN A 7 0.35 -8.90 0.82
C GLN A 7 0.01 -7.53 1.39
N ALA A 8 -0.95 -7.48 2.31
CA ALA A 8 -1.37 -6.24 2.92
C ALA A 8 -0.23 -5.59 3.69
N CYS A 9 -0.40 -4.32 4.06
CA CYS A 9 0.62 -3.59 4.81
C CYS A 9 0.23 -3.47 6.29
N TRP A 10 -0.69 -4.31 6.73
CA TRP A 10 -1.13 -4.30 8.11
C TRP A 10 0.04 -4.50 9.07
N SER A 11 1.03 -5.26 8.63
CA SER A 11 2.21 -5.53 9.44
C SER A 11 3.29 -4.49 9.20
N HIS A 12 3.48 -4.13 7.93
CA HIS A 12 4.49 -3.14 7.57
C HIS A 12 4.10 -1.75 8.07
N SER A 13 2.79 -1.54 8.25
CA SER A 13 2.29 -0.25 8.73
C SER A 13 2.57 0.85 7.72
N GLY A 14 1.50 1.46 7.21
CA GLY A 14 1.66 2.53 6.23
C GLY A 14 0.49 3.49 6.25
N VAL A 15 0.30 4.20 5.15
CA VAL A 15 -0.79 5.17 5.03
C VAL A 15 -1.61 4.92 3.77
N CYS A 16 -2.70 4.15 3.92
CA CYS A 16 -3.56 3.84 2.80
C CYS A 16 -4.39 5.07 2.41
N ARG A 17 -3.91 5.80 1.39
CA ARG A 17 -4.60 6.99 0.91
C ARG A 17 -5.03 6.82 -0.53
N ASP A 18 -5.34 7.92 -1.21
CA ASP A 18 -5.78 7.87 -2.60
C ASP A 18 -4.59 7.66 -3.52
N LYS A 19 -4.75 6.80 -4.52
CA LYS A 19 -3.70 6.51 -5.47
C LYS A 19 -3.08 7.79 -6.02
N SER A 20 -3.88 8.86 -6.06
CA SER A 20 -3.41 10.14 -6.55
C SER A 20 -2.98 11.05 -5.40
N GLU A 21 -2.50 10.43 -4.32
CA GLU A 21 -2.05 11.16 -3.15
C GLU A 21 -0.94 12.14 -3.51
N ARG A 22 -1.21 13.42 -3.28
CA ARG A 22 -0.24 14.48 -3.60
C ARG A 22 0.78 14.65 -2.48
N ASN A 23 0.73 13.76 -1.50
CA ASN A 23 1.65 13.81 -0.37
C ASN A 23 1.97 12.39 0.10
N CYS A 24 2.17 11.50 -0.87
CA CYS A 24 2.47 10.11 -0.58
C CYS A 24 3.97 9.86 -0.49
N LYS A 25 4.35 8.82 0.26
CA LYS A 25 5.76 8.47 0.43
C LYS A 25 6.09 7.19 -0.34
N PRO A 26 7.38 6.97 -0.65
CA PRO A 26 7.81 5.78 -1.39
C PRO A 26 7.65 4.49 -0.58
N MET A 27 6.49 3.85 -0.72
CA MET A 27 6.21 2.61 -0.01
C MET A 27 7.04 1.46 -0.55
N ALA A 28 7.03 0.35 0.18
CA ALA A 28 7.77 -0.83 -0.22
C ALA A 28 6.81 -2.00 -0.45
N TRP A 29 6.60 -2.33 -1.72
CA TRP A 29 5.70 -3.41 -2.11
C TRP A 29 4.44 -3.45 -1.23
N THR A 30 3.77 -4.60 -1.20
CA THR A 30 2.55 -4.75 -0.41
C THR A 30 1.44 -3.84 -0.94
N TYR A 31 0.22 -4.04 -0.46
CA TYR A 31 -0.92 -3.24 -0.89
C TYR A 31 -1.84 -2.94 0.28
N CYS A 32 -2.86 -2.12 0.02
CA CYS A 32 -3.83 -1.76 1.05
C CYS A 32 -5.00 -2.74 1.06
N GLU A 33 -5.92 -2.58 0.11
CA GLU A 33 -7.08 -3.44 0.00
C GLU A 33 -7.96 -3.03 -1.17
N ASN A 34 -8.35 -1.76 -1.20
CA ASN A 34 -9.18 -1.23 -2.27
C ASN A 34 -8.34 -0.71 -3.41
N ARG A 35 -8.77 -0.98 -4.64
CA ARG A 35 -8.05 -0.53 -5.83
C ARG A 35 -8.08 0.99 -5.97
N ASN A 36 -8.88 1.65 -5.14
CA ASN A 36 -8.99 3.10 -5.17
C ASN A 36 -7.96 3.76 -4.25
N GLN A 37 -7.49 3.00 -3.26
CA GLN A 37 -6.51 3.52 -2.32
C GLN A 37 -5.30 2.57 -2.24
N LYS A 38 -4.13 3.15 -2.01
CA LYS A 38 -2.90 2.36 -1.90
C LYS A 38 -2.14 2.70 -0.63
N CYS A 39 -1.43 1.71 -0.09
CA CYS A 39 -0.65 1.89 1.13
C CYS A 39 0.67 2.58 0.83
N CYS A 40 0.96 3.67 1.54
CA CYS A 40 2.19 4.41 1.34
C CYS A 40 3.11 4.29 2.55
N GLU A 41 4.35 4.75 2.39
CA GLU A 41 5.33 4.69 3.47
C GLU A 41 4.83 5.42 4.71
N TYR A 42 4.89 4.75 5.86
CA TYR A 42 4.45 5.31 7.12
C TYR A 42 4.74 6.80 7.23
N ILE A 1 10.33 -13.32 6.30
CA ILE A 1 10.72 -14.56 5.59
C ILE A 1 10.30 -14.51 4.13
N MET A 2 10.94 -15.33 3.30
CA MET A 2 10.64 -15.38 1.88
C MET A 2 9.70 -16.54 1.56
N PHE A 3 8.52 -16.22 1.04
CA PHE A 3 7.54 -17.23 0.69
C PHE A 3 6.21 -16.59 0.27
N PHE A 4 5.88 -15.47 0.90
CA PHE A 4 4.64 -14.75 0.59
C PHE A 4 4.91 -13.61 -0.39
N GLU A 5 4.73 -13.87 -1.67
CA GLU A 5 4.94 -12.88 -2.71
C GLU A 5 4.36 -11.53 -2.32
N MET A 6 3.03 -11.45 -2.29
CA MET A 6 2.34 -10.22 -1.93
C MET A 6 1.60 -10.37 -0.60
N GLN A 7 0.91 -9.32 -0.19
CA GLN A 7 0.15 -9.33 1.05
C GLN A 7 -0.32 -7.93 1.41
N ALA A 8 -0.91 -7.79 2.60
CA ALA A 8 -1.40 -6.50 3.07
C ALA A 8 -0.37 -5.80 3.95
N CYS A 9 -0.54 -4.50 4.14
CA CYS A 9 0.37 -3.72 4.96
C CYS A 9 -0.26 -3.37 6.30
N TRP A 10 -1.21 -4.18 6.74
CA TRP A 10 -1.89 -3.96 8.01
C TRP A 10 -0.89 -3.88 9.16
N SER A 11 0.14 -4.72 9.10
CA SER A 11 1.17 -4.75 10.13
C SER A 11 2.54 -4.42 9.55
N HIS A 12 2.56 -3.54 8.56
CA HIS A 12 3.81 -3.15 7.91
C HIS A 12 3.89 -1.63 7.76
N SER A 13 3.24 -0.92 8.67
CA SER A 13 3.24 0.54 8.63
C SER A 13 2.69 1.05 7.30
N GLY A 14 2.73 2.37 7.12
CA GLY A 14 2.23 2.97 5.90
C GLY A 14 0.88 3.63 6.08
N VAL A 15 0.50 4.48 5.13
CA VAL A 15 -0.78 5.18 5.20
C VAL A 15 -1.67 4.81 4.01
N CYS A 16 -2.56 3.86 4.23
CA CYS A 16 -3.47 3.41 3.18
C CYS A 16 -4.50 4.49 2.85
N ARG A 17 -4.17 5.33 1.88
CA ARG A 17 -5.06 6.40 1.45
C ARG A 17 -5.75 6.04 0.14
N ASP A 18 -6.38 7.03 -0.48
CA ASP A 18 -7.07 6.81 -1.75
C ASP A 18 -6.35 7.52 -2.88
N LYS A 19 -5.22 6.95 -3.30
CA LYS A 19 -4.43 7.54 -4.37
C LYS A 19 -3.90 8.90 -3.94
N SER A 20 -3.58 9.00 -2.65
CA SER A 20 -3.05 10.23 -2.08
C SER A 20 -1.54 10.29 -2.20
N GLU A 21 -1.00 9.58 -3.18
CA GLU A 21 0.44 9.55 -3.41
C GLU A 21 0.97 10.91 -3.87
N ARG A 22 0.07 11.88 -4.03
CA ARG A 22 0.46 13.21 -4.48
C ARG A 22 0.90 14.09 -3.31
N ASN A 23 1.08 13.47 -2.14
CA ASN A 23 1.50 14.19 -0.94
C ASN A 23 2.31 13.30 -0.02
N CYS A 24 2.10 11.98 -0.12
CA CYS A 24 2.80 11.03 0.72
C CYS A 24 4.01 10.44 -0.01
N LYS A 25 4.72 9.53 0.66
CA LYS A 25 5.89 8.90 0.07
C LYS A 25 5.51 7.68 -0.75
N PRO A 26 6.42 7.20 -1.60
CA PRO A 26 6.17 6.03 -2.46
C PRO A 26 5.86 4.78 -1.66
N MET A 27 4.66 4.23 -1.88
CA MET A 27 4.23 3.01 -1.18
C MET A 27 5.23 1.89 -1.38
N ALA A 28 5.05 0.81 -0.62
CA ALA A 28 5.93 -0.35 -0.71
C ALA A 28 5.25 -1.48 -1.47
N TRP A 29 5.97 -2.58 -1.63
CA TRP A 29 5.43 -3.73 -2.33
C TRP A 29 4.04 -4.12 -1.82
N THR A 30 3.88 -4.12 -0.51
CA THR A 30 2.61 -4.46 0.10
C THR A 30 1.51 -3.51 -0.37
N TYR A 31 0.26 -3.97 -0.29
CA TYR A 31 -0.88 -3.15 -0.71
C TYR A 31 -1.99 -3.19 0.33
N CYS A 32 -3.09 -2.51 0.04
CA CYS A 32 -4.22 -2.46 0.95
C CYS A 32 -5.29 -3.47 0.55
N GLU A 33 -5.99 -3.20 -0.55
CA GLU A 33 -7.03 -4.08 -1.05
C GLU A 33 -7.63 -3.54 -2.34
N ASN A 34 -7.98 -2.26 -2.33
CA ASN A 34 -8.57 -1.61 -3.50
C ASN A 34 -7.49 -1.01 -4.39
N ARG A 35 -7.66 -1.16 -5.70
CA ARG A 35 -6.70 -0.63 -6.66
C ARG A 35 -6.67 0.89 -6.64
N ASN A 36 -7.63 1.50 -5.96
CA ASN A 36 -7.71 2.95 -5.86
C ASN A 36 -6.98 3.44 -4.61
N GLN A 37 -6.84 2.58 -3.61
CA GLN A 37 -6.17 2.93 -2.38
C GLN A 37 -4.72 2.46 -2.40
N LYS A 38 -3.81 3.33 -1.96
CA LYS A 38 -2.38 2.99 -1.93
C LYS A 38 -1.83 3.05 -0.51
N CYS A 39 -0.92 2.14 -0.19
CA CYS A 39 -0.31 2.10 1.14
C CYS A 39 0.96 2.94 1.17
N CYS A 40 0.82 4.22 1.49
CA CYS A 40 1.97 5.12 1.57
C CYS A 40 3.07 4.53 2.43
N GLU A 41 4.31 4.96 2.16
CA GLU A 41 5.46 4.48 2.92
C GLU A 41 5.92 5.51 3.93
N TYR A 42 5.44 5.38 5.17
CA TYR A 42 5.78 6.30 6.25
C TYR A 42 7.19 6.85 6.12
N ILE A 1 -3.66 -15.09 -8.87
CA ILE A 1 -2.86 -16.19 -9.49
C ILE A 1 -2.52 -17.26 -8.45
N MET A 2 -3.51 -17.65 -7.66
CA MET A 2 -3.32 -18.67 -6.63
C MET A 2 -2.28 -18.22 -5.61
N PHE A 3 -2.71 -17.40 -4.66
CA PHE A 3 -1.82 -16.90 -3.63
C PHE A 3 -0.66 -16.10 -4.23
N PHE A 4 -0.67 -14.79 -4.00
CA PHE A 4 0.38 -13.92 -4.52
C PHE A 4 1.27 -13.40 -3.39
N GLU A 5 2.58 -13.43 -3.62
CA GLU A 5 3.55 -12.97 -2.65
C GLU A 5 3.11 -11.67 -1.98
N MET A 6 2.39 -10.84 -2.74
CA MET A 6 1.91 -9.56 -2.23
C MET A 6 0.82 -9.77 -1.17
N GLN A 7 0.35 -8.67 -0.60
CA GLN A 7 -0.69 -8.71 0.42
C GLN A 7 -0.87 -7.35 1.08
N ALA A 8 -1.65 -7.32 2.16
CA ALA A 8 -1.89 -6.08 2.89
C ALA A 8 -0.68 -5.66 3.69
N CYS A 9 -0.58 -4.37 3.98
CA CYS A 9 0.54 -3.84 4.76
C CYS A 9 0.19 -3.73 6.24
N TRP A 10 -0.80 -4.52 6.67
CA TRP A 10 -1.23 -4.50 8.06
C TRP A 10 -0.08 -4.87 9.00
N SER A 11 0.88 -5.62 8.49
CA SER A 11 2.02 -6.05 9.29
C SER A 11 3.15 -5.03 9.21
N HIS A 12 3.29 -4.39 8.05
CA HIS A 12 4.34 -3.40 7.85
C HIS A 12 3.90 -2.03 8.38
N SER A 13 2.59 -1.80 8.43
CA SER A 13 2.05 -0.55 8.91
C SER A 13 2.41 0.60 7.98
N GLY A 14 1.40 1.29 7.47
CA GLY A 14 1.64 2.40 6.57
C GLY A 14 0.51 3.41 6.59
N VAL A 15 0.42 4.24 5.56
CA VAL A 15 -0.62 5.25 5.46
C VAL A 15 -1.53 4.99 4.26
N CYS A 16 -2.56 4.17 4.47
CA CYS A 16 -3.50 3.83 3.41
C CYS A 16 -4.15 5.08 2.83
N ARG A 17 -3.54 5.63 1.78
CA ARG A 17 -4.06 6.82 1.13
C ARG A 17 -4.67 6.47 -0.23
N ASP A 18 -4.77 7.47 -1.10
CA ASP A 18 -5.34 7.24 -2.43
C ASP A 18 -4.25 6.92 -3.45
N LYS A 19 -4.59 6.07 -4.42
CA LYS A 19 -3.63 5.69 -5.46
C LYS A 19 -3.00 6.91 -6.10
N SER A 20 -3.71 8.02 -6.08
CA SER A 20 -3.22 9.27 -6.65
C SER A 20 -2.63 10.16 -5.56
N GLU A 21 -2.05 9.53 -4.55
CA GLU A 21 -1.44 10.23 -3.44
C GLU A 21 -0.29 11.14 -3.90
N ARG A 22 -0.46 12.43 -3.71
CA ARG A 22 0.56 13.41 -4.11
C ARG A 22 1.07 14.20 -2.91
N ASN A 23 0.81 13.69 -1.71
CA ASN A 23 1.25 14.36 -0.49
C ASN A 23 2.08 13.44 0.40
N CYS A 24 1.84 12.14 0.28
CA CYS A 24 2.56 11.16 1.08
C CYS A 24 3.84 10.70 0.37
N LYS A 25 4.53 9.75 0.97
CA LYS A 25 5.77 9.23 0.40
C LYS A 25 5.49 8.05 -0.53
N PRO A 26 6.45 7.72 -1.40
CA PRO A 26 6.30 6.60 -2.35
C PRO A 26 6.19 5.26 -1.64
N MET A 27 5.03 4.63 -1.78
CA MET A 27 4.79 3.33 -1.16
C MET A 27 5.80 2.29 -1.62
N ALA A 28 6.01 1.26 -0.81
CA ALA A 28 6.94 0.20 -1.13
C ALA A 28 6.26 -1.16 -1.01
N TRP A 29 5.96 -1.77 -2.15
CA TRP A 29 5.30 -3.07 -2.18
C TRP A 29 4.09 -3.11 -1.24
N THR A 30 3.41 -4.25 -1.19
CA THR A 30 2.23 -4.40 -0.34
C THR A 30 1.15 -3.39 -0.73
N TYR A 31 -0.05 -3.58 -0.21
CA TYR A 31 -1.16 -2.69 -0.52
C TYR A 31 -2.06 -2.51 0.70
N CYS A 32 -3.09 -1.69 0.55
CA CYS A 32 -4.03 -1.42 1.62
C CYS A 32 -5.19 -2.41 1.59
N GLU A 33 -6.00 -2.33 0.54
CA GLU A 33 -7.14 -3.23 0.39
C GLU A 33 -7.80 -3.02 -0.97
N ASN A 34 -8.20 -1.79 -1.26
CA ASN A 34 -8.84 -1.45 -2.53
C ASN A 34 -7.80 -1.03 -3.56
N ARG A 35 -8.10 -1.29 -4.83
CA ARG A 35 -7.19 -0.94 -5.90
C ARG A 35 -7.09 0.58 -6.10
N ASN A 36 -7.96 1.31 -5.42
CA ASN A 36 -7.97 2.76 -5.49
C ASN A 36 -7.09 3.39 -4.41
N GLN A 37 -6.79 2.61 -3.37
CA GLN A 37 -5.96 3.10 -2.27
C GLN A 37 -4.57 2.49 -2.33
N LYS A 38 -3.58 3.22 -1.83
CA LYS A 38 -2.20 2.76 -1.82
C LYS A 38 -1.57 2.95 -0.43
N CYS A 39 -0.83 1.95 0.01
CA CYS A 39 -0.17 2.00 1.32
C CYS A 39 1.07 2.89 1.26
N CYS A 40 0.89 4.18 1.59
CA CYS A 40 2.00 5.12 1.58
C CYS A 40 3.09 4.67 2.54
N GLU A 41 4.31 5.14 2.29
CA GLU A 41 5.45 4.79 3.14
C GLU A 41 5.20 5.19 4.58
N TYR A 42 5.30 4.22 5.49
CA TYR A 42 5.09 4.44 6.91
C TYR A 42 5.60 5.81 7.37
N ILE A 1 0.14 -24.19 -5.44
CA ILE A 1 0.00 -23.27 -4.29
C ILE A 1 -0.27 -21.84 -4.77
N MET A 2 -0.76 -21.00 -3.85
CA MET A 2 -1.06 -19.61 -4.19
C MET A 2 0.15 -18.72 -3.95
N PHE A 3 1.04 -19.15 -3.06
CA PHE A 3 2.24 -18.39 -2.74
C PHE A 3 1.88 -17.05 -2.10
N PHE A 4 2.75 -16.55 -1.23
CA PHE A 4 2.52 -15.28 -0.57
C PHE A 4 3.29 -14.16 -1.26
N GLU A 5 3.46 -14.28 -2.58
CA GLU A 5 4.18 -13.30 -3.36
C GLU A 5 3.78 -11.87 -2.97
N MET A 6 2.53 -11.70 -2.56
CA MET A 6 2.02 -10.39 -2.18
C MET A 6 1.34 -10.46 -0.81
N GLN A 7 0.81 -9.32 -0.36
CA GLN A 7 0.13 -9.23 0.91
C GLN A 7 -0.27 -7.79 1.22
N ALA A 8 -0.67 -7.54 2.47
CA ALA A 8 -1.07 -6.20 2.88
C ALA A 8 -0.09 -5.61 3.88
N CYS A 9 -0.32 -4.35 4.27
CA CYS A 9 0.54 -3.67 5.22
C CYS A 9 -0.19 -3.38 6.52
N TRP A 10 -1.18 -4.21 6.84
CA TRP A 10 -1.96 -4.04 8.05
C TRP A 10 -1.05 -3.91 9.28
N SER A 11 0.13 -4.53 9.21
CA SER A 11 1.08 -4.48 10.30
C SER A 11 2.50 -4.28 9.78
N HIS A 12 2.62 -3.52 8.71
CA HIS A 12 3.93 -3.24 8.10
C HIS A 12 4.23 -1.74 8.08
N SER A 13 3.47 -0.97 8.86
CA SER A 13 3.66 0.47 8.93
C SER A 13 3.40 1.12 7.57
N GLY A 14 2.49 2.09 7.54
CA GLY A 14 2.16 2.77 6.31
C GLY A 14 0.85 3.52 6.39
N VAL A 15 0.62 4.42 5.44
CA VAL A 15 -0.63 5.19 5.41
C VAL A 15 -1.48 4.82 4.20
N CYS A 16 -2.56 4.09 4.46
CA CYS A 16 -3.47 3.66 3.39
C CYS A 16 -4.45 4.78 3.03
N ARG A 17 -4.16 5.48 1.93
CA ARG A 17 -5.01 6.57 1.48
C ARG A 17 -5.07 6.61 -0.04
N ASP A 18 -5.49 7.74 -0.60
CA ASP A 18 -5.58 7.91 -2.04
C ASP A 18 -4.20 7.96 -2.67
N LYS A 19 -4.05 7.31 -3.83
CA LYS A 19 -2.77 7.28 -4.53
C LYS A 19 -2.52 8.56 -5.31
N SER A 20 -3.46 8.91 -6.18
CA SER A 20 -3.33 10.11 -7.00
C SER A 20 -3.75 11.37 -6.24
N GLU A 21 -4.00 11.24 -4.94
CA GLU A 21 -4.41 12.38 -4.14
C GLU A 21 -3.30 12.84 -3.21
N ARG A 22 -3.05 12.06 -2.16
CA ARG A 22 -2.02 12.39 -1.19
C ARG A 22 -0.62 12.35 -1.80
N ASN A 23 0.31 13.08 -1.17
CA ASN A 23 1.68 13.13 -1.64
C ASN A 23 2.61 12.51 -0.58
N CYS A 24 2.33 11.27 -0.22
CA CYS A 24 3.13 10.57 0.78
C CYS A 24 4.29 9.81 0.14
N LYS A 25 5.02 9.05 0.94
CA LYS A 25 6.15 8.28 0.45
C LYS A 25 5.69 7.24 -0.58
N PRO A 26 6.64 6.64 -1.30
CA PRO A 26 6.33 5.63 -2.31
C PRO A 26 5.97 4.28 -1.71
N MET A 27 4.68 3.95 -1.73
CA MET A 27 4.19 2.68 -1.19
C MET A 27 5.07 1.52 -1.63
N ALA A 28 4.89 0.37 -1.01
CA ALA A 28 5.66 -0.81 -1.34
C ALA A 28 4.76 -1.93 -1.86
N TRP A 29 5.36 -3.07 -2.14
CA TRP A 29 4.63 -4.23 -2.65
C TRP A 29 3.31 -4.43 -1.90
N THR A 30 3.35 -4.21 -0.58
CA THR A 30 2.16 -4.36 0.25
C THR A 30 1.06 -3.41 -0.20
N TYR A 31 -0.18 -3.84 -0.06
CA TYR A 31 -1.32 -3.02 -0.45
C TYR A 31 -2.45 -3.09 0.57
N CYS A 32 -3.52 -2.34 0.32
CA CYS A 32 -4.66 -2.31 1.23
C CYS A 32 -5.71 -3.33 0.79
N GLU A 33 -6.37 -3.04 -0.33
CA GLU A 33 -7.41 -3.93 -0.85
C GLU A 33 -7.83 -3.48 -2.25
N ASN A 34 -7.91 -2.17 -2.45
CA ASN A 34 -8.30 -1.60 -3.74
C ASN A 34 -7.10 -0.96 -4.42
N ARG A 35 -7.04 -1.07 -5.74
CA ARG A 35 -5.95 -0.49 -6.51
C ARG A 35 -5.99 1.04 -6.50
N ASN A 36 -7.06 1.60 -5.96
CA ASN A 36 -7.21 3.04 -5.91
C ASN A 36 -6.62 3.61 -4.61
N GLN A 37 -6.01 2.75 -3.80
CA GLN A 37 -5.41 3.18 -2.54
C GLN A 37 -3.96 2.70 -2.44
N LYS A 38 -3.10 3.55 -1.90
CA LYS A 38 -1.69 3.22 -1.74
C LYS A 38 -1.29 3.14 -0.27
N CYS A 39 -0.24 2.39 0.01
CA CYS A 39 0.25 2.25 1.37
C CYS A 39 1.52 3.07 1.58
N CYS A 40 1.34 4.35 1.89
CA CYS A 40 2.46 5.26 2.10
C CYS A 40 3.57 4.61 2.94
N GLU A 41 4.80 4.80 2.51
CA GLU A 41 5.95 4.22 3.21
C GLU A 41 6.42 5.14 4.34
N TYR A 42 6.25 4.68 5.58
CA TYR A 42 6.63 5.44 6.76
C TYR A 42 7.88 6.29 6.53
N ILE A 1 6.19 -21.92 -5.53
CA ILE A 1 6.46 -20.46 -5.53
C ILE A 1 6.93 -19.98 -4.16
N MET A 2 8.22 -19.68 -4.05
CA MET A 2 8.80 -19.21 -2.79
C MET A 2 8.49 -17.74 -2.57
N PHE A 3 9.06 -16.89 -3.42
CA PHE A 3 8.86 -15.44 -3.31
C PHE A 3 7.39 -15.10 -3.17
N PHE A 4 7.06 -14.31 -2.15
CA PHE A 4 5.69 -13.91 -1.89
C PHE A 4 5.29 -12.73 -2.78
N GLU A 5 4.43 -12.99 -3.76
CA GLU A 5 3.97 -11.97 -4.69
C GLU A 5 3.64 -10.66 -3.97
N MET A 6 2.51 -10.66 -3.26
CA MET A 6 2.08 -9.47 -2.53
C MET A 6 1.50 -9.85 -1.17
N GLN A 7 0.95 -8.87 -0.47
CA GLN A 7 0.36 -9.09 0.84
C GLN A 7 -0.04 -7.78 1.49
N ALA A 8 -0.77 -7.86 2.59
CA ALA A 8 -1.23 -6.67 3.30
C ALA A 8 -0.08 -6.00 4.05
N CYS A 9 -0.29 -4.76 4.46
CA CYS A 9 0.73 -4.01 5.19
C CYS A 9 0.35 -3.83 6.65
N TRP A 10 -0.53 -4.69 7.15
CA TRP A 10 -0.98 -4.62 8.54
C TRP A 10 0.21 -4.69 9.49
N SER A 11 1.05 -5.70 9.30
CA SER A 11 2.22 -5.89 10.15
C SER A 11 3.43 -5.17 9.59
N HIS A 12 3.22 -4.36 8.56
CA HIS A 12 4.30 -3.61 7.94
C HIS A 12 4.15 -2.11 8.19
N SER A 13 2.92 -1.68 8.48
CA SER A 13 2.63 -0.28 8.74
C SER A 13 2.85 0.57 7.49
N GLY A 14 2.03 1.61 7.34
CA GLY A 14 2.14 2.47 6.17
C GLY A 14 1.13 3.60 6.20
N VAL A 15 0.71 4.04 5.02
CA VAL A 15 -0.26 5.13 4.90
C VAL A 15 -1.23 4.87 3.75
N CYS A 16 -2.31 4.16 4.02
CA CYS A 16 -3.30 3.85 3.01
C CYS A 16 -4.01 5.12 2.56
N ARG A 17 -3.52 5.71 1.47
CA ARG A 17 -4.11 6.93 0.94
C ARG A 17 -4.43 6.78 -0.55
N ASP A 18 -4.81 7.87 -1.19
CA ASP A 18 -5.14 7.84 -2.61
C ASP A 18 -3.89 7.69 -3.46
N LYS A 19 -3.96 6.81 -4.45
CA LYS A 19 -2.83 6.56 -5.34
C LYS A 19 -2.41 7.85 -6.05
N SER A 20 -3.39 8.65 -6.40
CA SER A 20 -3.14 9.91 -7.09
C SER A 20 -3.24 11.09 -6.13
N GLU A 21 -2.86 10.86 -4.88
CA GLU A 21 -2.90 11.90 -3.86
C GLU A 21 -1.75 12.89 -4.07
N ARG A 22 -1.61 13.82 -3.14
CA ARG A 22 -0.57 14.84 -3.23
C ARG A 22 0.33 14.83 -1.99
N ASN A 23 0.27 13.74 -1.22
CA ASN A 23 1.07 13.62 -0.02
C ASN A 23 1.42 12.17 0.26
N CYS A 24 1.69 11.41 -0.80
CA CYS A 24 2.02 10.00 -0.68
C CYS A 24 3.54 9.80 -0.67
N LYS A 25 4.01 8.99 0.28
CA LYS A 25 5.44 8.71 0.40
C LYS A 25 5.81 7.45 -0.37
N PRO A 26 7.10 7.30 -0.72
CA PRO A 26 7.59 6.12 -1.46
C PRO A 26 7.08 4.80 -0.86
N MET A 27 5.94 4.34 -1.33
CA MET A 27 5.35 3.10 -0.84
C MET A 27 6.32 1.94 -0.94
N ALA A 28 6.00 0.85 -0.26
CA ALA A 28 6.84 -0.34 -0.27
C ALA A 28 6.00 -1.59 -0.46
N TRP A 29 5.85 -2.03 -1.71
CA TRP A 29 5.07 -3.20 -2.05
C TRP A 29 3.81 -3.33 -1.19
N THR A 30 3.26 -4.54 -1.10
CA THR A 30 2.05 -4.78 -0.31
C THR A 30 0.88 -3.99 -0.88
N TYR A 31 -0.27 -4.08 -0.21
CA TYR A 31 -1.46 -3.36 -0.65
C TYR A 31 -2.38 -3.05 0.53
N CYS A 32 -3.27 -2.09 0.35
CA CYS A 32 -4.21 -1.71 1.39
C CYS A 32 -5.50 -2.52 1.30
N GLU A 33 -6.30 -2.24 0.28
CA GLU A 33 -7.56 -2.95 0.08
C GLU A 33 -8.10 -2.70 -1.33
N ASN A 34 -8.54 -1.47 -1.58
CA ASN A 34 -9.08 -1.11 -2.87
C ASN A 34 -7.99 -0.59 -3.80
N ARG A 35 -8.20 -0.75 -5.10
CA ARG A 35 -7.24 -0.31 -6.10
C ARG A 35 -7.11 1.21 -6.15
N ASN A 36 -7.99 1.89 -5.44
CA ASN A 36 -7.98 3.35 -5.40
C ASN A 36 -7.10 3.86 -4.26
N GLN A 37 -6.86 3.00 -3.27
CA GLN A 37 -6.03 3.37 -2.13
C GLN A 37 -4.86 2.41 -1.98
N LYS A 38 -3.65 2.96 -1.87
CA LYS A 38 -2.45 2.14 -1.73
C LYS A 38 -1.76 2.41 -0.40
N CYS A 39 -1.07 1.41 0.12
CA CYS A 39 -0.35 1.53 1.38
C CYS A 39 0.99 2.21 1.17
N CYS A 40 0.97 3.55 1.13
CA CYS A 40 2.18 4.33 0.93
C CYS A 40 3.14 4.18 2.12
N GLU A 41 4.30 4.81 2.01
CA GLU A 41 5.30 4.75 3.07
C GLU A 41 4.79 5.39 4.35
N TYR A 42 4.70 4.61 5.42
CA TYR A 42 4.22 5.07 6.71
C TYR A 42 4.65 6.51 6.99
N ILE A 1 -6.68 -14.28 -8.28
CA ILE A 1 -6.84 -15.10 -9.49
C ILE A 1 -5.49 -15.38 -10.15
N MET A 2 -5.05 -16.64 -10.06
CA MET A 2 -3.77 -17.08 -10.64
C MET A 2 -2.68 -16.01 -10.46
N PHE A 3 -2.51 -15.15 -11.47
CA PHE A 3 -1.51 -14.11 -11.43
C PHE A 3 -1.66 -13.25 -10.17
N PHE A 4 -0.75 -13.43 -9.22
CA PHE A 4 -0.80 -12.68 -7.97
C PHE A 4 0.40 -13.02 -7.09
N GLU A 5 0.78 -12.08 -6.23
CA GLU A 5 1.90 -12.26 -5.32
C GLU A 5 2.15 -11.00 -4.50
N MET A 6 1.13 -10.62 -3.71
CA MET A 6 1.23 -9.43 -2.87
C MET A 6 0.57 -9.68 -1.52
N GLN A 7 0.27 -8.59 -0.80
CA GLN A 7 -0.36 -8.67 0.49
C GLN A 7 -0.54 -7.29 1.11
N ALA A 8 -1.19 -7.25 2.27
CA ALA A 8 -1.43 -5.99 2.97
C ALA A 8 -0.21 -5.56 3.77
N CYS A 9 -0.26 -4.35 4.32
CA CYS A 9 0.83 -3.82 5.12
C CYS A 9 0.44 -3.70 6.59
N TRP A 10 -0.55 -4.50 7.00
CA TRP A 10 -1.03 -4.48 8.37
C TRP A 10 0.10 -4.81 9.35
N SER A 11 1.16 -5.44 8.85
CA SER A 11 2.30 -5.80 9.70
C SER A 11 3.32 -4.68 9.75
N HIS A 12 3.74 -4.21 8.58
CA HIS A 12 4.73 -3.13 8.50
C HIS A 12 4.07 -1.76 8.53
N SER A 13 2.77 -1.72 8.79
CA SER A 13 2.04 -0.45 8.85
C SER A 13 2.25 0.36 7.58
N GLY A 14 1.83 1.62 7.61
CA GLY A 14 2.00 2.49 6.46
C GLY A 14 0.95 3.59 6.40
N VAL A 15 0.85 4.24 5.24
CA VAL A 15 -0.12 5.31 5.05
C VAL A 15 -1.08 4.98 3.93
N CYS A 16 -2.21 4.37 4.28
CA CYS A 16 -3.22 3.99 3.29
C CYS A 16 -3.98 5.22 2.80
N ARG A 17 -3.63 5.70 1.61
CA ARG A 17 -4.29 6.86 1.03
C ARG A 17 -4.62 6.61 -0.44
N ASP A 18 -4.91 7.69 -1.18
CA ASP A 18 -5.25 7.58 -2.58
C ASP A 18 -4.00 7.37 -3.44
N LYS A 19 -4.08 6.46 -4.41
CA LYS A 19 -2.96 6.19 -5.28
C LYS A 19 -2.51 7.44 -6.03
N SER A 20 -3.45 8.35 -6.22
CA SER A 20 -3.16 9.60 -6.92
C SER A 20 -3.13 10.77 -5.94
N GLU A 21 -2.64 10.52 -4.73
CA GLU A 21 -2.54 11.54 -3.72
C GLU A 21 -1.41 12.51 -4.02
N ARG A 22 -1.38 13.59 -3.29
CA ARG A 22 -0.35 14.62 -3.48
C ARG A 22 0.52 14.77 -2.23
N ASN A 23 0.47 13.77 -1.35
CA ASN A 23 1.25 13.79 -0.13
C ASN A 23 1.60 12.38 0.31
N CYS A 24 1.76 11.48 -0.66
CA CYS A 24 2.08 10.09 -0.37
C CYS A 24 3.58 9.87 -0.37
N LYS A 25 4.04 8.95 0.48
CA LYS A 25 5.46 8.63 0.59
C LYS A 25 5.81 7.41 -0.25
N PRO A 26 7.11 7.14 -0.47
CA PRO A 26 7.56 6.01 -1.28
C PRO A 26 6.92 4.69 -0.84
N MET A 27 5.75 4.40 -1.41
CA MET A 27 5.02 3.18 -1.07
C MET A 27 5.85 1.94 -1.41
N ALA A 28 5.41 0.79 -0.91
CA ALA A 28 6.09 -0.47 -1.15
C ALA A 28 5.15 -1.49 -1.78
N TRP A 29 5.68 -2.66 -2.10
CA TRP A 29 4.89 -3.72 -2.71
C TRP A 29 3.58 -3.95 -1.96
N THR A 30 3.59 -3.66 -0.67
CA THR A 30 2.40 -3.82 0.16
C THR A 30 1.33 -2.82 -0.22
N TYR A 31 0.06 -3.21 -0.06
CA TYR A 31 -1.06 -2.35 -0.40
C TYR A 31 -2.12 -2.40 0.70
N CYS A 32 -3.22 -1.68 0.47
CA CYS A 32 -4.32 -1.64 1.43
C CYS A 32 -5.32 -2.75 1.16
N GLU A 33 -6.07 -2.61 0.06
CA GLU A 33 -7.07 -3.60 -0.33
C GLU A 33 -7.79 -3.18 -1.60
N ASN A 34 -8.17 -1.91 -1.67
CA ASN A 34 -8.86 -1.38 -2.83
C ASN A 34 -7.87 -0.84 -3.87
N ARG A 35 -8.19 -1.02 -5.13
CA ARG A 35 -7.33 -0.56 -6.21
C ARG A 35 -7.26 0.97 -6.27
N ASN A 36 -8.14 1.62 -5.52
CA ASN A 36 -8.17 3.07 -5.48
C ASN A 36 -7.26 3.62 -4.38
N GLN A 37 -6.95 2.78 -3.39
CA GLN A 37 -6.09 3.19 -2.29
C GLN A 37 -4.89 2.26 -2.16
N LYS A 38 -3.74 2.82 -1.81
CA LYS A 38 -2.52 2.04 -1.67
C LYS A 38 -1.83 2.35 -0.34
N CYS A 39 -0.97 1.44 0.10
CA CYS A 39 -0.23 1.62 1.35
C CYS A 39 1.12 2.28 1.10
N CYS A 40 1.22 3.56 1.45
CA CYS A 40 2.45 4.30 1.26
C CYS A 40 3.40 4.11 2.45
N GLU A 41 4.60 4.67 2.34
CA GLU A 41 5.59 4.56 3.41
C GLU A 41 5.10 5.24 4.68
N TYR A 42 4.91 4.45 5.74
CA TYR A 42 4.44 4.94 7.02
C TYR A 42 4.98 6.34 7.34
N ILE A 1 -4.56 -12.68 -10.38
CA ILE A 1 -4.23 -13.15 -11.74
C ILE A 1 -3.81 -14.62 -11.74
N MET A 2 -4.73 -15.49 -11.35
CA MET A 2 -4.46 -16.93 -11.30
C MET A 2 -3.40 -17.25 -10.25
N PHE A 3 -3.11 -16.30 -9.36
CA PHE A 3 -2.13 -16.49 -8.32
C PHE A 3 -1.88 -15.18 -7.55
N PHE A 4 -1.38 -15.30 -6.33
CA PHE A 4 -1.10 -14.14 -5.50
C PHE A 4 0.34 -14.16 -4.99
N GLU A 5 0.68 -13.20 -4.15
CA GLU A 5 2.02 -13.11 -3.57
C GLU A 5 2.14 -11.90 -2.66
N MET A 6 1.51 -10.79 -3.05
CA MET A 6 1.55 -9.57 -2.27
C MET A 6 0.95 -9.80 -0.88
N GLN A 7 0.59 -8.72 -0.20
CA GLN A 7 0.01 -8.80 1.13
C GLN A 7 -0.19 -7.41 1.73
N ALA A 8 -1.18 -7.30 2.60
CA ALA A 8 -1.48 -6.01 3.25
C ALA A 8 -0.33 -5.56 4.13
N CYS A 9 -0.36 -4.30 4.53
CA CYS A 9 0.69 -3.74 5.38
C CYS A 9 0.22 -3.64 6.83
N TRP A 10 -0.70 -4.53 7.21
CA TRP A 10 -1.23 -4.54 8.56
C TRP A 10 -0.11 -4.67 9.60
N SER A 11 0.98 -5.32 9.20
CA SER A 11 2.12 -5.52 10.10
C SER A 11 3.11 -4.36 9.98
N HIS A 12 3.71 -4.23 8.81
CA HIS A 12 4.68 -3.16 8.57
C HIS A 12 4.07 -1.79 8.84
N SER A 13 2.75 -1.68 8.66
CA SER A 13 2.05 -0.42 8.89
C SER A 13 2.53 0.66 7.93
N GLY A 14 1.62 1.20 7.14
CA GLY A 14 1.97 2.25 6.20
C GLY A 14 0.99 3.39 6.20
N VAL A 15 0.58 3.82 5.02
CA VAL A 15 -0.37 4.92 4.88
C VAL A 15 -1.32 4.70 3.71
N CYS A 16 -2.40 3.96 3.95
CA CYS A 16 -3.39 3.68 2.92
C CYS A 16 -4.17 4.94 2.55
N ARG A 17 -3.73 5.61 1.49
CA ARG A 17 -4.39 6.83 1.03
C ARG A 17 -4.76 6.73 -0.44
N ASP A 18 -5.04 7.87 -1.06
CA ASP A 18 -5.42 7.89 -2.47
C ASP A 18 -4.18 7.73 -3.36
N LYS A 19 -4.30 6.84 -4.35
CA LYS A 19 -3.19 6.59 -5.27
C LYS A 19 -2.66 7.90 -5.85
N SER A 20 -3.54 8.89 -5.97
CA SER A 20 -3.16 10.19 -6.50
C SER A 20 -3.02 11.22 -5.38
N GLU A 21 -2.60 10.77 -4.20
CA GLU A 21 -2.43 11.65 -3.07
C GLU A 21 -1.28 12.61 -3.32
N ARG A 22 -1.48 13.84 -2.90
CA ARG A 22 -0.48 14.89 -3.07
C ARG A 22 0.45 14.99 -1.87
N ASN A 23 0.43 13.97 -1.01
CA ASN A 23 1.27 13.95 0.17
C ASN A 23 1.64 12.52 0.55
N CYS A 24 1.81 11.66 -0.45
CA CYS A 24 2.14 10.27 -0.22
C CYS A 24 3.65 10.05 -0.29
N LYS A 25 4.10 8.91 0.26
CA LYS A 25 5.51 8.57 0.27
C LYS A 25 5.77 7.32 -0.56
N PRO A 26 7.03 7.05 -0.92
CA PRO A 26 7.40 5.88 -1.72
C PRO A 26 6.82 4.58 -1.16
N MET A 27 5.62 4.24 -1.62
CA MET A 27 4.95 3.02 -1.17
C MET A 27 5.82 1.79 -1.42
N ALA A 28 5.45 0.68 -0.79
CA ALA A 28 6.18 -0.57 -0.95
C ALA A 28 5.30 -1.65 -1.56
N TRP A 29 5.88 -2.83 -1.78
CA TRP A 29 5.16 -3.94 -2.37
C TRP A 29 3.82 -4.17 -1.67
N THR A 30 3.76 -3.82 -0.39
CA THR A 30 2.55 -3.98 0.40
C THR A 30 1.38 -3.20 -0.22
N TYR A 31 0.17 -3.70 -0.02
CA TYR A 31 -1.02 -3.06 -0.56
C TYR A 31 -2.05 -2.81 0.54
N CYS A 32 -3.16 -2.16 0.17
CA CYS A 32 -4.23 -1.87 1.12
C CYS A 32 -5.40 -2.82 0.93
N GLU A 33 -6.07 -2.69 -0.21
CA GLU A 33 -7.22 -3.54 -0.51
C GLU A 33 -7.79 -3.21 -1.89
N ASN A 34 -8.29 -1.98 -2.04
CA ASN A 34 -8.86 -1.54 -3.30
C ASN A 34 -7.80 -0.90 -4.18
N ARG A 35 -7.97 -1.01 -5.49
CA ARG A 35 -7.02 -0.45 -6.44
C ARG A 35 -7.01 1.07 -6.42
N ASN A 36 -7.97 1.65 -5.70
CA ASN A 36 -8.08 3.10 -5.59
C ASN A 36 -7.26 3.62 -4.42
N GLN A 37 -7.01 2.74 -3.44
CA GLN A 37 -6.23 3.12 -2.26
C GLN A 37 -4.98 2.25 -2.16
N LYS A 38 -3.82 2.89 -1.96
CA LYS A 38 -2.57 2.17 -1.84
C LYS A 38 -1.88 2.46 -0.51
N CYS A 39 -1.20 1.46 0.02
CA CYS A 39 -0.49 1.61 1.29
C CYS A 39 0.88 2.23 1.06
N CYS A 40 0.97 3.55 1.26
CA CYS A 40 2.23 4.26 1.07
C CYS A 40 3.21 3.93 2.18
N GLU A 41 4.46 4.38 2.02
CA GLU A 41 5.49 4.12 3.01
C GLU A 41 5.61 5.27 4.01
N TYR A 42 5.33 4.97 5.28
CA TYR A 42 5.38 5.95 6.36
C TYR A 42 6.43 7.05 6.09
N ILE A 1 -0.20 -16.35 -4.85
CA ILE A 1 1.06 -15.86 -5.46
C ILE A 1 2.24 -16.73 -5.06
N MET A 2 3.10 -17.02 -6.03
CA MET A 2 4.29 -17.84 -5.79
C MET A 2 5.56 -17.03 -5.98
N PHE A 3 6.16 -16.62 -4.86
CA PHE A 3 7.38 -15.83 -4.89
C PHE A 3 7.74 -15.33 -3.50
N PHE A 4 6.73 -14.88 -2.76
CA PHE A 4 6.94 -14.38 -1.41
C PHE A 4 7.87 -13.17 -1.42
N GLU A 5 7.31 -11.99 -1.14
CA GLU A 5 8.08 -10.77 -1.11
C GLU A 5 7.18 -9.57 -0.80
N MET A 6 5.98 -9.58 -1.37
CA MET A 6 5.03 -8.49 -1.16
C MET A 6 3.90 -8.93 -0.23
N GLN A 7 2.98 -8.01 0.05
CA GLN A 7 1.84 -8.29 0.92
C GLN A 7 1.13 -7.00 1.30
N ALA A 8 0.18 -7.10 2.23
CA ALA A 8 -0.57 -5.96 2.69
C ALA A 8 0.17 -5.21 3.80
N CYS A 9 -0.38 -4.07 4.21
CA CYS A 9 0.24 -3.27 5.26
C CYS A 9 -0.41 -3.55 6.61
N TRP A 10 -1.04 -4.72 6.74
CA TRP A 10 -1.69 -5.11 7.98
C TRP A 10 -0.71 -5.09 9.14
N SER A 11 0.55 -5.42 8.86
CA SER A 11 1.59 -5.44 9.87
C SER A 11 2.40 -4.15 9.87
N HIS A 12 2.75 -3.68 8.67
CA HIS A 12 3.53 -2.46 8.52
C HIS A 12 2.80 -1.27 9.16
N SER A 13 1.46 -1.33 9.13
CA SER A 13 0.66 -0.26 9.72
C SER A 13 0.90 1.07 9.00
N GLY A 14 1.21 1.00 7.72
CA GLY A 14 1.45 2.21 6.95
C GLY A 14 0.25 3.14 6.95
N VAL A 15 0.25 4.10 6.02
CA VAL A 15 -0.85 5.06 5.94
C VAL A 15 -1.58 4.93 4.60
N CYS A 16 -2.65 4.14 4.60
CA CYS A 16 -3.44 3.93 3.39
C CYS A 16 -4.16 5.21 2.97
N ARG A 17 -3.66 5.83 1.90
CA ARG A 17 -4.25 7.06 1.40
C ARG A 17 -4.94 6.82 0.06
N ASP A 18 -5.13 7.89 -0.72
CA ASP A 18 -5.76 7.78 -2.02
C ASP A 18 -4.73 7.63 -3.14
N LYS A 19 -5.05 6.80 -4.13
CA LYS A 19 -4.15 6.57 -5.25
C LYS A 19 -3.77 7.87 -5.92
N SER A 20 -4.73 8.78 -6.02
CA SER A 20 -4.52 10.08 -6.64
C SER A 20 -3.71 11.00 -5.72
N GLU A 21 -3.54 10.59 -4.47
CA GLU A 21 -2.80 11.38 -3.50
C GLU A 21 -1.38 10.85 -3.36
N ARG A 22 -0.46 11.41 -4.14
CA ARG A 22 0.93 10.99 -4.11
C ARG A 22 1.76 11.92 -3.22
N ASN A 23 1.17 12.30 -2.08
CA ASN A 23 1.85 13.19 -1.13
C ASN A 23 2.64 12.39 -0.11
N CYS A 24 2.22 11.17 0.14
CA CYS A 24 2.89 10.29 1.10
C CYS A 24 3.97 9.47 0.41
N LYS A 25 4.69 8.67 1.19
CA LYS A 25 5.75 7.83 0.65
C LYS A 25 5.18 6.83 -0.35
N PRO A 26 5.95 6.53 -1.42
CA PRO A 26 5.53 5.60 -2.47
C PRO A 26 5.89 4.16 -2.15
N MET A 27 4.95 3.42 -1.57
CA MET A 27 5.18 2.02 -1.23
C MET A 27 5.12 1.14 -2.47
N ALA A 28 6.28 0.77 -2.99
CA ALA A 28 6.35 -0.06 -4.19
C ALA A 28 6.67 -1.51 -3.85
N TRP A 29 5.85 -2.10 -2.99
CA TRP A 29 6.02 -3.47 -2.58
C TRP A 29 4.78 -3.96 -1.83
N THR A 30 4.28 -3.11 -0.93
CA THR A 30 3.09 -3.45 -0.15
C THR A 30 1.85 -2.78 -0.72
N TYR A 31 0.68 -3.18 -0.24
CA TYR A 31 -0.58 -2.60 -0.70
C TYR A 31 -1.56 -2.40 0.45
N CYS A 32 -2.61 -1.63 0.19
CA CYS A 32 -3.63 -1.35 1.20
C CYS A 32 -4.73 -2.39 1.16
N GLU A 33 -5.60 -2.29 0.16
CA GLU A 33 -6.72 -3.22 0.01
C GLU A 33 -7.48 -2.93 -1.27
N ASN A 34 -7.79 -1.66 -1.51
CA ASN A 34 -8.52 -1.26 -2.70
C ASN A 34 -7.58 -0.67 -3.74
N ARG A 35 -7.88 -0.90 -5.01
CA ARG A 35 -7.06 -0.40 -6.10
C ARG A 35 -7.16 1.12 -6.22
N ASN A 36 -8.09 1.71 -5.48
CA ASN A 36 -8.28 3.16 -5.51
C ASN A 36 -7.41 3.86 -4.47
N GLN A 37 -6.90 3.09 -3.50
CA GLN A 37 -6.06 3.64 -2.46
C GLN A 37 -4.60 3.24 -2.67
N LYS A 38 -3.70 3.90 -1.95
CA LYS A 38 -2.28 3.61 -2.05
C LYS A 38 -1.61 3.66 -0.68
N CYS A 39 -1.14 2.51 -0.21
CA CYS A 39 -0.49 2.42 1.09
C CYS A 39 0.74 3.33 1.15
N CYS A 40 0.89 4.03 2.26
CA CYS A 40 2.01 4.94 2.45
C CYS A 40 3.11 4.26 3.27
N GLU A 41 4.36 4.44 2.83
CA GLU A 41 5.50 3.85 3.52
C GLU A 41 5.86 4.65 4.76
N TYR A 42 5.24 4.28 5.89
CA TYR A 42 5.47 4.94 7.17
C TYR A 42 6.91 5.42 7.32
N ILE A 1 -2.38 -12.49 -15.93
CA ILE A 1 -2.07 -13.70 -15.11
C ILE A 1 -0.66 -13.58 -14.51
N MET A 2 -0.53 -12.71 -13.51
CA MET A 2 0.76 -12.51 -12.84
C MET A 2 0.76 -13.15 -11.46
N PHE A 3 1.51 -14.24 -11.33
CA PHE A 3 1.61 -14.96 -10.05
C PHE A 3 1.86 -13.99 -8.89
N PHE A 4 0.83 -13.75 -8.09
CA PHE A 4 0.95 -12.84 -6.95
C PHE A 4 1.78 -13.47 -5.83
N GLU A 5 2.16 -12.65 -4.86
CA GLU A 5 2.94 -13.11 -3.73
C GLU A 5 3.27 -11.94 -2.80
N MET A 6 2.30 -11.06 -2.61
CA MET A 6 2.47 -9.89 -1.75
C MET A 6 1.73 -10.09 -0.43
N GLN A 7 1.30 -8.99 0.20
CA GLN A 7 0.59 -9.05 1.45
C GLN A 7 0.14 -7.65 1.88
N ALA A 8 -1.02 -7.59 2.54
CA ALA A 8 -1.57 -6.32 3.00
C ALA A 8 -0.57 -5.58 3.88
N CYS A 9 -0.95 -4.37 4.32
CA CYS A 9 -0.09 -3.56 5.17
C CYS A 9 -0.31 -3.87 6.64
N TRP A 10 -1.10 -4.92 6.92
CA TRP A 10 -1.39 -5.31 8.30
C TRP A 10 -0.11 -5.52 9.09
N SER A 11 0.95 -5.93 8.41
CA SER A 11 2.24 -6.17 9.06
C SER A 11 3.25 -5.09 8.66
N HIS A 12 2.78 -3.85 8.60
CA HIS A 12 3.65 -2.73 8.24
C HIS A 12 3.00 -1.40 8.61
N SER A 13 1.75 -1.22 8.17
CA SER A 13 1.01 0.00 8.45
C SER A 13 1.72 1.22 7.84
N GLY A 14 1.22 1.67 6.69
CA GLY A 14 1.82 2.81 6.02
C GLY A 14 0.84 3.95 5.86
N VAL A 15 0.55 4.30 4.62
CA VAL A 15 -0.38 5.39 4.31
C VAL A 15 -1.40 4.97 3.27
N CYS A 16 -2.42 4.25 3.69
CA CYS A 16 -3.47 3.79 2.80
C CYS A 16 -4.36 4.95 2.37
N ARG A 17 -3.98 5.61 1.27
CA ARG A 17 -4.75 6.75 0.77
C ARG A 17 -4.80 6.72 -0.76
N ASP A 18 -5.22 7.82 -1.35
CA ASP A 18 -5.31 7.92 -2.81
C ASP A 18 -3.92 7.85 -3.44
N LYS A 19 -3.81 7.08 -4.51
CA LYS A 19 -2.52 6.93 -5.21
C LYS A 19 -2.04 8.28 -5.73
N SER A 20 -2.99 9.16 -6.05
CA SER A 20 -2.66 10.48 -6.56
C SER A 20 -2.94 11.55 -5.50
N GLU A 21 -2.70 11.20 -4.24
CA GLU A 21 -2.94 12.11 -3.13
C GLU A 21 -1.82 13.17 -3.09
N ARG A 22 -1.72 13.87 -1.96
CA ARG A 22 -0.71 14.90 -1.79
C ARG A 22 0.24 14.58 -0.63
N ASN A 23 0.26 13.31 -0.23
CA ASN A 23 1.12 12.87 0.86
C ASN A 23 1.56 11.43 0.66
N CYS A 24 1.79 11.07 -0.60
CA CYS A 24 2.21 9.72 -0.94
C CYS A 24 3.73 9.65 -1.12
N LYS A 25 4.36 8.72 -0.41
CA LYS A 25 5.81 8.55 -0.48
C LYS A 25 6.18 7.22 -1.12
N PRO A 26 7.44 7.06 -1.56
CA PRO A 26 7.91 5.83 -2.20
C PRO A 26 7.80 4.62 -1.29
N MET A 27 6.67 3.92 -1.36
CA MET A 27 6.44 2.74 -0.54
C MET A 27 7.17 1.53 -1.10
N ALA A 28 7.16 0.45 -0.32
CA ALA A 28 7.82 -0.78 -0.72
C ALA A 28 6.82 -1.93 -0.73
N TRP A 29 6.48 -2.40 -1.93
CA TRP A 29 5.52 -3.49 -2.10
C TRP A 29 4.37 -3.43 -1.09
N THR A 30 3.71 -4.55 -0.87
CA THR A 30 2.58 -4.61 0.06
C THR A 30 1.42 -3.76 -0.45
N TYR A 31 0.21 -4.07 0.01
CA TYR A 31 -0.98 -3.34 -0.40
C TYR A 31 -1.88 -3.05 0.79
N CYS A 32 -2.96 -2.29 0.54
CA CYS A 32 -3.90 -1.95 1.60
C CYS A 32 -5.11 -2.87 1.56
N GLU A 33 -5.98 -2.67 0.58
CA GLU A 33 -7.18 -3.47 0.43
C GLU A 33 -7.99 -3.04 -0.79
N ASN A 34 -8.26 -1.74 -0.89
CA ASN A 34 -9.02 -1.20 -2.00
C ASN A 34 -8.10 -0.80 -3.15
N ARG A 35 -8.49 -1.14 -4.37
CA ARG A 35 -7.71 -0.81 -5.55
C ARG A 35 -7.69 0.69 -5.84
N ASN A 36 -8.48 1.43 -5.09
CA ASN A 36 -8.57 2.88 -5.26
C ASN A 36 -7.54 3.59 -4.38
N GLN A 37 -7.06 2.89 -3.35
CA GLN A 37 -6.07 3.45 -2.44
C GLN A 37 -4.90 2.49 -2.24
N LYS A 38 -3.70 3.05 -2.16
CA LYS A 38 -2.50 2.24 -1.96
C LYS A 38 -1.83 2.56 -0.63
N CYS A 39 -1.02 1.62 -0.14
CA CYS A 39 -0.31 1.81 1.13
C CYS A 39 1.04 2.46 0.91
N CYS A 40 1.04 3.78 0.75
CA CYS A 40 2.27 4.53 0.53
C CYS A 40 3.18 4.45 1.75
N GLU A 41 4.41 4.94 1.62
CA GLU A 41 5.37 4.91 2.72
C GLU A 41 4.90 5.77 3.87
N TYR A 42 4.74 5.15 5.04
CA TYR A 42 4.29 5.82 6.25
C TYR A 42 4.84 7.23 6.35
#